data_1AJN
#
_entry.id   1AJN
#
_cell.length_a   52.120
_cell.length_b   65.080
_cell.length_c   76.300
_cell.angle_alpha   100.20
_cell.angle_beta   111.44
_cell.angle_gamma   105.81
#
_symmetry.space_group_name_H-M   'P 1'
#
loop_
_entity.id
_entity.type
_entity.pdbx_description
1 polymer 'PENICILLIN AMIDOHYDROLASE'
2 polymer 'PENICILLIN AMIDOHYDROLASE'
3 non-polymer 'CALCIUM ION'
4 non-polymer '2-(4-NITROPHENYL)ACETIC ACID'
5 water water
#
loop_
_entity_poly.entity_id
_entity_poly.type
_entity_poly.pdbx_seq_one_letter_code
_entity_poly.pdbx_strand_id
1 'polypeptide(L)'
;EQSSSEIKIVRDEYGMPHIYANDTWHLFYGYGYVVAQDRLFQMEMARRSTQGTVAEVLGKDFVKFDKDIRRNYWPDAIRA
QIAALSPEDMSILQGYADGMNAWIDKVNTNPETLLPKQFNTFGFTPKRWEPFDVAMIFVGTMANRFSDSTSEIDNLALLT
ALKDKYGVSQGMAVFNQLKWLVNPSAPTTIAVQESNYPLKFNQQNSQTA
;
A
2 'polypeptide(L)'
;SNMWVIGKSKAQDAKAIMVNGPQFGWYAPAYTYGIGLHGAGYDVTGNTPFAYPGLVFGHNGVISWGSTAGFGDDVDIFAE
RLSAEKPGYYLHNGKWVKMLSREETITVKNGQAETFTVWRTVHGNILQTDQTTQTAYAKSRAWDGKEVASLLAWTHQMKA
KNWQQWTQQAAKQALTINWYYADVNGNIGYVHTGAYPDRQSGHDPRLPVPGTGKWDWKGLLPFEMNPKVYNPQSGYIANW
NNSPQKDYPASDLFAFLWGGADRVTEIDRLLEQKPRLTADQAWDVIRQTSRQDLNLRLFLPTLQAATSGLTQSDPRRQLV
ETLTRWDGINLLNDDGKTWQQPGSAILNVWLTSMLKRTVVAAVPMPFDKWYSASGYETTQDGPTGSLNISVGAKILYEAV
QGDKSPIPQAVDLFAGKPQQEVVLAALEDTWETLSKRYGNNVSNWKTPAMALTFRANNFFGVPQAAAEETRHQAEYQNRG
TENDMIVFSPTTSDRPVLAWDVVAPGQSGFIAPDGTVDKHYEDQLKMYENFGRKSLWLTKQDVEAHKESQEVLHVQR
;
B
#
# COMPACT_ATOMS: atom_id res chain seq x y z
N SER A 3 16.94 28.74 24.76
CA SER A 3 15.92 28.23 25.72
C SER A 3 15.50 26.77 25.55
N SER A 4 15.34 26.10 26.68
CA SER A 4 14.72 24.79 26.75
C SER A 4 13.20 24.82 26.69
N SER A 5 12.56 25.97 26.90
CA SER A 5 11.10 25.98 26.89
C SER A 5 10.55 26.50 25.56
N GLU A 6 11.46 26.92 24.70
CA GLU A 6 11.04 27.53 23.44
C GLU A 6 10.85 26.57 22.26
N ILE A 7 9.74 26.72 21.55
CA ILE A 7 9.53 25.94 20.30
C ILE A 7 9.32 26.96 19.19
N LYS A 8 10.08 26.99 18.17
CA LYS A 8 9.89 27.95 17.10
C LYS A 8 9.32 27.17 15.89
N ILE A 9 8.22 27.64 15.35
CA ILE A 9 7.59 27.08 14.16
C ILE A 9 7.69 28.04 12.97
N VAL A 10 8.40 27.67 11.92
CA VAL A 10 8.52 28.43 10.69
C VAL A 10 7.78 27.73 9.55
N ARG A 11 6.90 28.44 8.85
CA ARG A 11 6.18 27.83 7.70
C ARG A 11 6.77 28.33 6.38
N ASP A 12 6.84 27.40 5.38
CA ASP A 12 7.45 27.90 4.14
C ASP A 12 6.39 28.45 3.20
N GLU A 13 6.76 28.74 1.97
CA GLU A 13 5.80 29.27 0.97
C GLU A 13 4.68 28.30 0.64
N TYR A 14 4.85 26.99 0.91
CA TYR A 14 3.73 26.08 0.69
C TYR A 14 3.05 25.77 1.98
N GLY A 15 3.35 26.46 3.08
CA GLY A 15 2.59 26.25 4.32
C GLY A 15 3.25 25.10 5.10
N MET A 16 4.35 24.53 4.57
CA MET A 16 4.98 23.43 5.31
C MET A 16 5.73 23.88 6.57
N PRO A 17 5.40 23.33 7.73
CA PRO A 17 5.93 23.68 9.03
C PRO A 17 7.30 23.07 9.28
N HIS A 18 8.20 23.90 9.83
CA HIS A 18 9.46 23.39 10.35
C HIS A 18 9.60 23.63 11.85
N ILE A 19 9.91 22.57 12.60
CA ILE A 19 9.98 22.72 14.06
C ILE A 19 11.40 22.77 14.59
N TYR A 20 11.65 23.79 15.43
CA TYR A 20 12.97 23.99 16.05
C TYR A 20 12.69 23.91 17.56
N ALA A 21 13.35 23.02 18.25
CA ALA A 21 13.12 22.78 19.68
C ALA A 21 14.35 22.05 20.20
N ASN A 22 14.54 22.00 21.51
CA ASN A 22 15.81 21.50 22.06
C ASN A 22 15.72 20.13 22.72
N ASP A 23 14.54 19.66 23.05
CA ASP A 23 14.49 18.31 23.56
C ASP A 23 13.33 17.61 22.82
N THR A 24 13.17 16.35 23.19
CA THR A 24 12.28 15.48 22.45
C THR A 24 10.85 15.91 22.62
N TRP A 25 10.52 16.10 23.90
CA TRP A 25 9.15 16.45 24.22
C TRP A 25 8.73 17.76 23.55
N HIS A 26 9.59 18.77 23.48
CA HIS A 26 9.26 20.05 22.87
C HIS A 26 9.15 19.89 21.35
N LEU A 27 10.05 19.14 20.75
CA LEU A 27 10.05 18.83 19.33
C LEU A 27 8.75 18.18 18.86
N PHE A 28 8.33 17.12 19.54
CA PHE A 28 7.10 16.45 19.09
C PHE A 28 5.85 17.20 19.50
N TYR A 29 6.02 18.07 20.51
CA TYR A 29 4.89 18.93 20.90
C TYR A 29 4.62 19.92 19.77
N GLY A 30 5.67 20.50 19.22
CA GLY A 30 5.53 21.37 18.07
C GLY A 30 4.86 20.68 16.89
N TYR A 31 5.27 19.43 16.59
CA TYR A 31 4.72 18.65 15.48
C TYR A 31 3.21 18.48 15.63
N GLY A 32 2.81 18.04 16.81
CA GLY A 32 1.45 17.82 17.24
C GLY A 32 0.57 19.05 17.04
N TYR A 33 1.14 20.19 17.44
CA TYR A 33 0.50 21.49 17.40
C TYR A 33 0.21 21.96 15.96
N VAL A 34 1.16 21.85 15.05
CA VAL A 34 0.89 22.21 13.67
C VAL A 34 -0.04 21.22 13.00
N VAL A 35 -0.06 19.96 13.38
CA VAL A 35 -0.98 19.00 12.78
C VAL A 35 -2.39 19.40 13.15
N ALA A 36 -2.61 19.71 14.44
CA ALA A 36 -3.90 20.17 14.94
C ALA A 36 -4.30 21.49 14.23
N GLN A 37 -3.34 22.33 13.83
CA GLN A 37 -3.70 23.52 13.07
C GLN A 37 -4.15 23.16 11.66
N ASP A 38 -3.45 22.26 10.97
CA ASP A 38 -3.67 21.96 9.58
C ASP A 38 -4.72 20.93 9.24
N ARG A 39 -4.78 19.86 10.04
CA ARG A 39 -5.55 18.69 9.72
C ARG A 39 -6.42 18.19 10.89
N LEU A 40 -7.00 19.07 11.71
CA LEU A 40 -7.75 18.56 12.84
C LEU A 40 -8.94 17.68 12.51
N PHE A 41 -9.88 18.05 11.64
CA PHE A 41 -11.01 17.18 11.32
C PHE A 41 -10.55 15.84 10.71
N GLN A 42 -9.59 15.85 9.80
CA GLN A 42 -9.06 14.64 9.21
C GLN A 42 -8.49 13.68 10.26
N MET A 43 -7.78 14.26 11.24
CA MET A 43 -7.16 13.50 12.30
C MET A 43 -8.16 12.94 13.28
N GLU A 44 -9.23 13.72 13.47
CA GLU A 44 -10.27 13.24 14.41
C GLU A 44 -11.07 12.10 13.77
N MET A 45 -11.27 12.15 12.45
CA MET A 45 -12.05 11.09 11.81
C MET A 45 -11.15 9.87 11.68
N ALA A 46 -9.83 10.12 11.51
CA ALA A 46 -8.93 8.96 11.46
C ALA A 46 -8.92 8.27 12.82
N ARG A 47 -8.84 9.08 13.88
CA ARG A 47 -8.88 8.56 15.24
C ARG A 47 -10.13 7.75 15.43
N ARG A 48 -11.31 8.19 15.04
CA ARG A 48 -12.49 7.34 15.24
C ARG A 48 -12.43 6.09 14.35
N SER A 49 -11.85 6.23 13.15
CA SER A 49 -11.82 5.15 12.17
C SER A 49 -10.99 3.99 12.73
N THR A 50 -9.85 4.34 13.33
CA THR A 50 -8.93 3.34 13.84
C THR A 50 -9.33 2.77 15.18
N GLN A 51 -10.34 3.29 15.85
CA GLN A 51 -10.73 2.71 17.14
C GLN A 51 -12.14 2.24 16.99
N GLY A 52 -12.83 2.51 15.89
CA GLY A 52 -14.20 2.05 15.78
C GLY A 52 -15.12 2.85 16.68
N THR A 53 -15.11 4.18 16.53
CA THR A 53 -16.08 4.99 17.28
C THR A 53 -16.74 5.98 16.31
N VAL A 54 -16.98 5.59 15.08
CA VAL A 54 -17.62 6.39 14.05
C VAL A 54 -19.12 6.53 14.24
N ALA A 55 -19.80 5.47 14.65
CA ALA A 55 -21.24 5.47 14.78
C ALA A 55 -21.72 6.43 15.87
N GLU A 56 -20.88 6.79 16.83
CA GLU A 56 -21.24 7.72 17.87
C GLU A 56 -21.50 9.11 17.25
N VAL A 57 -20.79 9.51 16.23
CA VAL A 57 -21.09 10.82 15.64
C VAL A 57 -21.79 10.64 14.31
N LEU A 58 -21.82 9.47 13.65
CA LEU A 58 -22.42 9.41 12.32
C LEU A 58 -23.58 8.42 12.27
N GLY A 59 -23.87 7.66 13.31
CA GLY A 59 -25.08 6.88 13.31
C GLY A 59 -24.99 5.45 12.84
N LYS A 60 -26.16 4.85 12.62
CA LYS A 60 -26.45 3.46 12.32
C LYS A 60 -25.76 2.91 11.09
N ASP A 61 -25.51 3.71 10.05
CA ASP A 61 -24.80 3.11 8.92
C ASP A 61 -23.38 2.64 9.27
N PHE A 62 -22.76 3.06 10.37
CA PHE A 62 -21.43 2.68 10.76
C PHE A 62 -21.28 1.68 11.87
N VAL A 63 -22.31 1.04 12.37
CA VAL A 63 -22.23 0.06 13.45
C VAL A 63 -21.46 -1.17 13.01
N LYS A 64 -21.66 -1.74 11.81
CA LYS A 64 -20.91 -2.96 11.43
C LYS A 64 -19.43 -2.60 11.24
N PHE A 65 -19.19 -1.44 10.65
CA PHE A 65 -17.83 -0.94 10.51
C PHE A 65 -17.15 -0.91 11.87
N ASP A 66 -17.77 -0.32 12.88
CA ASP A 66 -17.18 -0.16 14.21
C ASP A 66 -16.99 -1.54 14.82
N LYS A 67 -17.96 -2.44 14.75
CA LYS A 67 -17.73 -3.78 15.24
C LYS A 67 -16.55 -4.46 14.53
N ASP A 68 -16.44 -4.33 13.21
CA ASP A 68 -15.33 -4.96 12.53
C ASP A 68 -13.99 -4.41 13.02
N ILE A 69 -13.89 -3.09 13.18
CA ILE A 69 -12.63 -2.52 13.66
C ILE A 69 -12.26 -3.06 15.04
N ARG A 70 -13.18 -3.10 15.98
CA ARG A 70 -12.87 -3.56 17.32
C ARG A 70 -12.54 -5.03 17.44
N ARG A 71 -13.18 -5.90 16.64
CA ARG A 71 -12.83 -7.31 16.63
C ARG A 71 -11.42 -7.60 16.10
N ASN A 72 -10.82 -6.71 15.33
CA ASN A 72 -9.51 -6.93 14.76
C ASN A 72 -8.32 -6.44 15.52
N TYR A 73 -8.43 -6.11 16.80
CA TYR A 73 -7.25 -5.73 17.57
C TYR A 73 -7.58 -5.96 19.06
N TRP A 74 -6.59 -5.80 19.90
CA TRP A 74 -6.64 -6.02 21.32
C TRP A 74 -6.02 -4.82 22.05
N PRO A 75 -6.79 -3.80 22.36
CA PRO A 75 -6.36 -2.56 22.97
C PRO A 75 -5.45 -2.68 24.18
N ASP A 76 -5.68 -3.54 25.16
CA ASP A 76 -4.78 -3.77 26.26
C ASP A 76 -3.37 -4.22 25.86
N ALA A 77 -3.27 -5.02 24.79
CA ALA A 77 -1.92 -5.33 24.31
C ALA A 77 -1.20 -4.09 23.82
N ILE A 78 -1.90 -3.11 23.24
CA ILE A 78 -1.22 -1.89 22.77
C ILE A 78 -0.80 -1.07 23.99
N ARG A 79 -1.71 -0.88 24.96
CA ARG A 79 -1.42 -0.13 26.19
C ARG A 79 -0.24 -0.71 26.99
N ALA A 80 -0.13 -2.04 27.01
CA ALA A 80 1.03 -2.66 27.64
C ALA A 80 2.32 -2.34 26.89
N GLN A 81 2.28 -2.16 25.56
CA GLN A 81 3.54 -1.85 24.89
C GLN A 81 3.92 -0.41 25.18
N ILE A 82 2.93 0.46 25.32
CA ILE A 82 3.17 1.86 25.63
C ILE A 82 3.71 1.93 27.06
N ALA A 83 3.20 1.13 27.99
CA ALA A 83 3.68 1.18 29.35
C ALA A 83 5.13 0.74 29.51
N ALA A 84 5.68 -0.10 28.66
CA ALA A 84 7.04 -0.51 28.72
C ALA A 84 8.01 0.45 28.03
N LEU A 85 7.59 1.59 27.49
CA LEU A 85 8.60 2.43 26.82
C LEU A 85 9.50 3.10 27.83
N SER A 86 10.72 3.38 27.43
CA SER A 86 11.61 4.22 28.23
C SER A 86 11.10 5.66 28.15
N PRO A 87 11.54 6.49 29.07
CA PRO A 87 11.14 7.90 29.16
C PRO A 87 11.43 8.67 27.87
N GLU A 88 12.52 8.46 27.17
CA GLU A 88 12.83 9.13 25.94
C GLU A 88 11.79 8.76 24.87
N ASP A 89 11.57 7.47 24.63
CA ASP A 89 10.57 7.03 23.68
C ASP A 89 9.17 7.49 24.03
N MET A 90 8.79 7.48 25.30
CA MET A 90 7.46 7.88 25.72
C MET A 90 7.21 9.37 25.47
N SER A 91 8.25 10.18 25.51
CA SER A 91 8.19 11.60 25.23
C SER A 91 7.72 11.91 23.81
N ILE A 92 8.18 11.12 22.84
CA ILE A 92 7.71 11.31 21.47
C ILE A 92 6.18 11.33 21.41
N LEU A 93 5.58 10.27 21.93
CA LEU A 93 4.13 10.10 21.88
C LEU A 93 3.47 11.10 22.79
N GLN A 94 4.01 11.33 23.99
CA GLN A 94 3.33 12.21 24.94
C GLN A 94 3.47 13.68 24.50
N GLY A 95 4.67 14.04 24.04
CA GLY A 95 4.83 15.38 23.49
C GLY A 95 3.78 15.60 22.39
N TYR A 96 3.64 14.71 21.42
CA TYR A 96 2.78 14.87 20.26
C TYR A 96 1.38 15.07 20.75
N ALA A 97 0.87 14.19 21.61
CA ALA A 97 -0.52 14.40 22.06
C ALA A 97 -0.68 15.75 22.82
N ASP A 98 0.27 16.10 23.70
CA ASP A 98 0.24 17.38 24.41
C ASP A 98 0.17 18.58 23.45
N GLY A 99 0.94 18.60 22.39
CA GLY A 99 0.95 19.64 21.39
C GLY A 99 -0.42 19.74 20.71
N MET A 100 -1.04 18.59 20.43
CA MET A 100 -2.32 18.62 19.75
C MET A 100 -3.32 19.26 20.72
N ASN A 101 -3.22 18.79 21.96
CA ASN A 101 -4.10 19.26 23.02
C ASN A 101 -4.06 20.76 23.25
N ALA A 102 -2.86 21.34 23.23
CA ALA A 102 -2.69 22.78 23.35
C ALA A 102 -3.46 23.51 22.26
N TRP A 103 -3.40 23.08 20.99
CA TRP A 103 -4.21 23.74 19.97
C TRP A 103 -5.68 23.39 20.12
N ILE A 104 -6.04 22.18 20.56
CA ILE A 104 -7.48 21.89 20.70
C ILE A 104 -8.06 22.72 21.81
N ASP A 105 -7.33 22.93 22.92
CA ASP A 105 -7.79 23.84 23.97
C ASP A 105 -8.08 25.22 23.38
N LYS A 106 -7.16 25.86 22.65
CA LYS A 106 -7.48 27.15 22.04
C LYS A 106 -8.70 27.03 21.13
N VAL A 107 -8.84 25.98 20.29
CA VAL A 107 -10.00 25.81 19.44
C VAL A 107 -11.29 25.73 20.24
N ASN A 108 -11.33 24.94 21.30
CA ASN A 108 -12.57 24.81 22.06
C ASN A 108 -12.90 26.03 22.92
N THR A 109 -12.01 26.98 22.99
CA THR A 109 -12.14 28.22 23.75
C THR A 109 -12.60 29.36 22.89
N ASN A 110 -12.25 29.35 21.61
CA ASN A 110 -12.45 30.36 20.55
C ASN A 110 -13.18 29.80 19.33
N PRO A 111 -14.29 29.11 19.37
CA PRO A 111 -14.79 28.31 18.27
C PRO A 111 -15.30 29.15 17.14
N GLU A 112 -15.71 30.37 17.41
CA GLU A 112 -16.27 31.24 16.39
C GLU A 112 -15.27 31.53 15.29
N THR A 113 -13.97 31.48 15.49
CA THR A 113 -13.01 31.71 14.44
C THR A 113 -12.08 30.52 14.22
N LEU A 114 -11.93 29.66 15.23
CA LEU A 114 -10.96 28.58 15.08
C LEU A 114 -11.52 27.19 14.83
N LEU A 115 -12.82 26.94 14.99
CA LEU A 115 -13.27 25.55 14.80
C LEU A 115 -13.41 25.20 13.33
N PRO A 116 -12.75 24.17 12.83
CA PRO A 116 -12.88 23.74 11.44
C PRO A 116 -14.34 23.62 11.06
N LYS A 117 -14.72 24.19 9.92
CA LYS A 117 -16.14 24.13 9.55
C LYS A 117 -16.83 22.81 9.61
N GLN A 118 -16.17 21.69 9.24
CA GLN A 118 -16.79 20.36 9.19
C GLN A 118 -17.29 19.90 10.54
N PHE A 119 -16.70 20.34 11.66
CA PHE A 119 -17.22 20.01 12.99
C PHE A 119 -18.62 20.59 13.16
N ASN A 120 -18.86 21.79 12.62
CA ASN A 120 -20.21 22.35 12.69
C ASN A 120 -21.08 21.51 11.75
N THR A 121 -20.66 21.29 10.51
CA THR A 121 -21.41 20.48 9.58
C THR A 121 -21.81 19.11 10.12
N PHE A 122 -20.85 18.39 10.73
CA PHE A 122 -21.23 17.06 11.23
C PHE A 122 -21.77 17.12 12.64
N GLY A 123 -21.76 18.27 13.31
CA GLY A 123 -22.37 18.41 14.61
C GLY A 123 -21.64 17.87 15.81
N PHE A 124 -20.34 18.04 16.01
CA PHE A 124 -19.68 17.49 17.21
C PHE A 124 -18.39 18.28 17.35
N THR A 125 -17.68 18.13 18.44
CA THR A 125 -16.45 18.97 18.63
C THR A 125 -15.30 18.06 18.98
N PRO A 126 -14.08 18.50 18.77
CA PRO A 126 -12.89 17.70 19.05
C PRO A 126 -12.65 17.41 20.51
N LYS A 127 -12.11 16.23 20.84
CA LYS A 127 -11.74 15.91 22.22
C LYS A 127 -10.21 15.83 22.28
N ARG A 128 -9.67 15.70 23.46
CA ARG A 128 -8.23 15.64 23.70
C ARG A 128 -7.62 14.26 23.45
N TRP A 129 -6.36 14.19 23.08
CA TRP A 129 -5.69 12.99 22.68
C TRP A 129 -4.82 12.48 23.82
N GLU A 130 -4.47 11.20 23.88
CA GLU A 130 -3.42 10.70 24.78
C GLU A 130 -2.47 9.93 23.86
N PRO A 131 -1.34 9.50 24.37
CA PRO A 131 -0.40 8.68 23.63
C PRO A 131 -1.09 7.50 22.93
N PHE A 132 -2.11 6.86 23.49
CA PHE A 132 -2.71 5.67 22.96
C PHE A 132 -3.33 6.00 21.61
N ASP A 133 -3.97 7.19 21.56
CA ASP A 133 -4.55 7.66 20.31
C ASP A 133 -3.54 7.90 19.20
N VAL A 134 -2.35 8.38 19.56
CA VAL A 134 -1.32 8.63 18.54
C VAL A 134 -0.82 7.28 18.01
N ALA A 135 -0.60 6.33 18.92
CA ALA A 135 -0.10 5.02 18.49
C ALA A 135 -1.14 4.36 17.61
N MET A 136 -2.42 4.47 17.94
CA MET A 136 -3.49 3.86 17.17
C MET A 136 -3.68 4.45 15.78
N ILE A 137 -3.27 5.67 15.46
CA ILE A 137 -3.27 6.18 14.10
C ILE A 137 -2.37 5.29 13.20
N PHE A 138 -1.14 5.08 13.64
CA PHE A 138 -0.27 4.14 12.92
C PHE A 138 -0.72 2.68 12.94
N VAL A 139 -1.21 2.07 14.02
CA VAL A 139 -1.64 0.69 14.05
C VAL A 139 -2.82 0.41 13.15
N GLY A 140 -3.82 1.27 13.23
CA GLY A 140 -4.94 1.17 12.36
C GLY A 140 -4.65 1.38 10.91
N THR A 141 -3.75 2.21 10.43
CA THR A 141 -3.85 2.53 9.04
C THR A 141 -2.62 2.14 8.31
N MET A 142 -1.98 1.22 9.01
CA MET A 142 -0.69 0.75 8.51
C MET A 142 -0.31 -0.69 8.86
N ALA A 143 -0.53 -1.10 10.11
CA ALA A 143 -0.31 -2.46 10.51
C ALA A 143 -1.60 -3.28 10.32
N ASN A 144 -2.65 -2.78 10.95
CA ASN A 144 -3.97 -3.39 10.93
C ASN A 144 -4.62 -3.37 9.59
N ARG A 145 -4.10 -2.50 8.74
CA ARG A 145 -4.74 -2.51 7.44
C ARG A 145 -3.78 -2.83 6.37
N PHE A 146 -2.50 -2.50 6.44
CA PHE A 146 -1.62 -2.72 5.30
C PHE A 146 -0.60 -3.83 5.53
N SER A 147 -0.63 -4.45 6.71
CA SER A 147 0.31 -5.52 6.93
C SER A 147 -0.54 -6.65 7.47
N ASP A 148 -1.84 -6.64 7.20
CA ASP A 148 -2.62 -7.72 7.76
C ASP A 148 -3.32 -8.58 6.70
N SER A 149 -2.80 -8.94 5.55
CA SER A 149 -3.58 -9.63 4.53
C SER A 149 -3.58 -11.14 4.63
N THR A 150 -4.70 -11.83 4.60
CA THR A 150 -4.68 -13.29 4.50
C THR A 150 -5.98 -13.71 3.82
N SER A 151 -6.04 -14.85 3.13
CA SER A 151 -7.35 -15.32 2.63
C SER A 151 -7.35 -16.84 2.85
N GLU A 152 -6.66 -17.29 3.90
CA GLU A 152 -6.42 -18.70 4.13
C GLU A 152 -7.70 -19.51 4.20
N ILE A 153 -8.72 -18.95 4.81
CA ILE A 153 -9.99 -19.63 4.92
C ILE A 153 -10.62 -19.77 3.53
N ASP A 154 -10.64 -18.71 2.73
CA ASP A 154 -11.19 -18.83 1.40
C ASP A 154 -10.29 -19.72 0.54
N ASN A 155 -8.98 -19.71 0.67
CA ASN A 155 -8.19 -20.65 -0.08
C ASN A 155 -8.64 -22.10 0.19
N LEU A 156 -9.01 -22.42 1.43
CA LEU A 156 -9.35 -23.76 1.82
C LEU A 156 -10.69 -24.12 1.17
N ALA A 157 -11.62 -23.19 1.15
CA ALA A 157 -12.86 -23.39 0.41
C ALA A 157 -12.65 -23.59 -1.08
N LEU A 158 -11.75 -22.90 -1.75
CA LEU A 158 -11.43 -23.17 -3.14
C LEU A 158 -10.84 -24.58 -3.28
N LEU A 159 -9.88 -24.97 -2.45
CA LEU A 159 -9.16 -26.22 -2.53
C LEU A 159 -10.11 -27.41 -2.43
N THR A 160 -11.06 -27.27 -1.51
CA THR A 160 -12.08 -28.27 -1.29
C THR A 160 -12.97 -28.41 -2.52
N ALA A 161 -13.24 -27.32 -3.19
CA ALA A 161 -14.09 -27.31 -4.36
C ALA A 161 -13.35 -27.87 -5.57
N LEU A 162 -12.05 -27.71 -5.65
CA LEU A 162 -11.26 -28.28 -6.71
C LEU A 162 -11.08 -29.79 -6.49
N LYS A 163 -11.09 -30.24 -5.25
CA LYS A 163 -10.94 -31.62 -4.87
C LYS A 163 -12.19 -32.43 -5.23
N ASP A 164 -13.35 -31.82 -5.14
CA ASP A 164 -14.62 -32.40 -5.50
C ASP A 164 -14.76 -32.49 -7.02
N LYS A 165 -14.28 -31.46 -7.73
CA LYS A 165 -14.31 -31.47 -9.16
C LYS A 165 -13.28 -32.41 -9.78
N TYR A 166 -12.02 -32.41 -9.41
CA TYR A 166 -11.00 -33.15 -10.10
C TYR A 166 -10.46 -34.33 -9.30
N GLY A 167 -11.02 -34.53 -8.12
CA GLY A 167 -10.51 -35.63 -7.29
C GLY A 167 -9.40 -35.08 -6.40
N VAL A 168 -9.09 -35.84 -5.35
CA VAL A 168 -8.05 -35.49 -4.41
C VAL A 168 -6.68 -35.15 -4.95
N SER A 169 -5.93 -35.91 -5.70
CA SER A 169 -4.57 -35.47 -6.04
C SER A 169 -4.55 -34.35 -7.08
N GLN A 170 -5.53 -34.37 -7.96
CA GLN A 170 -5.67 -33.50 -9.10
C GLN A 170 -6.18 -32.13 -8.65
N GLY A 171 -7.08 -32.12 -7.69
CA GLY A 171 -7.56 -30.87 -7.09
C GLY A 171 -6.40 -30.08 -6.47
N MET A 172 -5.45 -30.74 -5.81
CA MET A 172 -4.27 -30.12 -5.27
C MET A 172 -3.34 -29.57 -6.34
N ALA A 173 -3.18 -30.33 -7.44
CA ALA A 173 -2.24 -29.82 -8.45
C ALA A 173 -2.89 -28.63 -9.17
N VAL A 174 -4.21 -28.53 -9.28
CA VAL A 174 -4.82 -27.40 -9.95
C VAL A 174 -4.74 -26.13 -9.06
N PHE A 175 -4.93 -26.31 -7.75
CA PHE A 175 -4.68 -25.37 -6.71
C PHE A 175 -3.27 -24.84 -6.86
N ASN A 176 -2.29 -25.72 -7.09
CA ASN A 176 -0.93 -25.20 -7.26
C ASN A 176 -0.76 -24.47 -8.59
N GLN A 177 -1.69 -24.63 -9.52
CA GLN A 177 -1.58 -23.99 -10.81
C GLN A 177 -2.16 -22.56 -10.70
N LEU A 178 -3.20 -22.42 -9.90
CA LEU A 178 -3.88 -21.16 -9.71
C LEU A 178 -3.27 -20.24 -8.66
N LYS A 179 -2.75 -20.76 -7.59
CA LYS A 179 -2.18 -20.09 -6.43
C LYS A 179 -0.86 -20.77 -6.09
N TRP A 180 0.12 -20.62 -6.98
CA TRP A 180 1.41 -21.27 -6.72
C TRP A 180 2.00 -20.66 -5.45
N LEU A 181 2.88 -21.35 -4.78
CA LEU A 181 3.59 -20.85 -3.62
C LEU A 181 4.67 -19.91 -4.14
N VAL A 182 5.53 -20.36 -5.04
CA VAL A 182 6.55 -19.58 -5.67
C VAL A 182 6.58 -19.84 -7.18
N ASN A 183 7.05 -18.88 -7.96
CA ASN A 183 7.19 -18.98 -9.40
C ASN A 183 8.58 -18.45 -9.66
N PRO A 184 9.49 -19.29 -10.10
CA PRO A 184 10.86 -18.96 -10.35
C PRO A 184 11.03 -17.98 -11.49
N SER A 185 10.05 -17.75 -12.38
CA SER A 185 10.31 -16.72 -13.36
C SER A 185 9.82 -15.35 -12.88
N ALA A 186 9.28 -15.12 -11.70
CA ALA A 186 8.91 -13.73 -11.32
C ALA A 186 10.06 -12.77 -11.29
N PRO A 187 9.91 -11.58 -11.85
CA PRO A 187 10.90 -10.50 -11.84
C PRO A 187 11.12 -10.05 -10.40
N THR A 188 12.35 -9.95 -9.95
CA THR A 188 12.67 -9.74 -8.54
C THR A 188 13.45 -8.44 -8.38
N THR A 189 13.29 -7.74 -7.25
CA THR A 189 14.06 -6.50 -7.04
C THR A 189 15.52 -6.84 -6.83
N ILE A 190 15.87 -7.98 -6.23
CA ILE A 190 17.27 -8.38 -6.05
C ILE A 190 17.63 -9.41 -7.11
N ALA A 191 18.61 -9.19 -7.96
CA ALA A 191 19.03 -10.11 -9.00
C ALA A 191 19.52 -11.42 -8.38
N VAL A 192 19.38 -12.50 -9.15
CA VAL A 192 19.79 -13.83 -8.70
C VAL A 192 21.29 -13.87 -8.47
N GLN A 193 22.12 -13.15 -9.21
CA GLN A 193 23.55 -13.15 -8.88
C GLN A 193 23.85 -12.67 -7.45
N GLU A 194 23.01 -11.90 -6.79
CA GLU A 194 23.30 -11.35 -5.46
C GLU A 194 22.86 -12.37 -4.41
N SER A 195 21.66 -12.89 -4.42
CA SER A 195 21.29 -13.91 -3.47
C SER A 195 19.94 -14.52 -3.79
N ASN A 196 19.53 -15.60 -3.15
CA ASN A 196 18.19 -16.14 -3.32
C ASN A 196 17.71 -16.49 -1.90
N TYR A 197 16.42 -16.71 -1.77
CA TYR A 197 15.89 -16.95 -0.44
C TYR A 197 16.17 -18.44 -0.15
N PRO A 198 16.68 -18.67 1.04
CA PRO A 198 17.09 -20.00 1.44
C PRO A 198 16.02 -20.97 1.86
N LEU A 199 14.83 -20.54 2.26
CA LEU A 199 13.87 -21.52 2.74
C LEU A 199 13.06 -22.19 1.64
N LYS A 200 12.58 -23.39 1.92
CA LYS A 200 11.74 -24.14 1.01
C LYS A 200 10.54 -24.59 1.84
N PHE A 201 9.38 -24.49 1.21
CA PHE A 201 8.12 -24.70 1.92
C PHE A 201 7.34 -25.90 1.41
N ASN A 202 6.52 -26.48 2.28
CA ASN A 202 5.58 -27.49 1.88
C ASN A 202 4.49 -26.94 0.99
N GLN A 203 4.19 -27.55 -0.15
CA GLN A 203 3.08 -27.10 -1.00
C GLN A 203 2.07 -28.23 -1.25
N GLN A 204 1.80 -28.99 -0.22
CA GLN A 204 0.85 -30.10 -0.36
C GLN A 204 -0.27 -30.01 0.66
N ASN A 205 -0.22 -28.92 1.47
CA ASN A 205 -1.16 -28.92 2.59
C ASN A 205 -0.91 -30.13 3.49
N SER A 206 0.37 -30.41 3.76
CA SER A 206 0.78 -31.53 4.60
C SER A 206 0.21 -31.54 6.02
N GLN A 207 -0.26 -30.42 6.55
CA GLN A 207 -0.90 -30.27 7.82
C GLN A 207 -2.27 -30.94 7.94
N THR A 208 -2.87 -31.57 6.94
CA THR A 208 -4.14 -32.26 7.15
C THR A 208 -3.99 -33.77 7.29
N SER B 1 2.52 0.72 -5.30
CA SER B 1 3.50 1.74 -4.88
C SER B 1 4.79 1.43 -5.62
N ASN B 2 5.43 2.42 -6.23
CA ASN B 2 6.71 2.06 -6.88
C ASN B 2 7.84 2.93 -6.35
N MET B 3 9.06 2.54 -6.68
CA MET B 3 10.27 3.13 -6.19
C MET B 3 11.35 2.82 -7.19
N TRP B 4 12.19 3.78 -7.55
CA TRP B 4 13.41 3.43 -8.27
C TRP B 4 14.56 4.19 -7.57
N VAL B 5 15.64 3.50 -7.27
CA VAL B 5 16.77 4.16 -6.63
C VAL B 5 17.98 3.96 -7.55
N ILE B 6 18.65 5.01 -7.95
CA ILE B 6 19.74 4.99 -8.90
C ILE B 6 21.06 5.37 -8.21
N GLY B 7 22.02 4.43 -8.27
CA GLY B 7 23.27 4.68 -7.61
C GLY B 7 24.34 5.38 -8.43
N LYS B 8 25.52 5.52 -7.83
CA LYS B 8 26.71 6.10 -8.43
C LYS B 8 26.95 5.71 -9.87
N SER B 9 26.95 4.43 -10.20
CA SER B 9 27.26 3.95 -11.55
C SER B 9 26.16 4.14 -12.58
N LYS B 10 24.94 4.50 -12.20
CA LYS B 10 23.90 4.82 -13.16
C LYS B 10 23.46 6.28 -13.16
N ALA B 11 23.88 7.07 -12.19
CA ALA B 11 23.43 8.44 -12.06
C ALA B 11 24.29 9.41 -12.90
N GLN B 12 23.67 10.38 -13.52
CA GLN B 12 24.37 11.39 -14.30
C GLN B 12 24.20 12.72 -13.56
N ASP B 13 25.26 13.44 -13.31
CA ASP B 13 25.28 14.72 -12.62
C ASP B 13 24.86 14.65 -11.16
N ALA B 14 25.09 13.53 -10.50
CA ALA B 14 24.74 13.32 -9.11
C ALA B 14 25.34 11.97 -8.72
N LYS B 15 25.32 11.61 -7.45
CA LYS B 15 25.88 10.32 -7.05
C LYS B 15 24.70 9.38 -6.76
N ALA B 16 23.52 9.94 -6.46
CA ALA B 16 22.41 9.05 -6.14
C ALA B 16 21.08 9.78 -6.22
N ILE B 17 20.09 9.10 -6.78
CA ILE B 17 18.75 9.66 -7.01
C ILE B 17 17.69 8.66 -6.54
N MET B 18 16.76 9.11 -5.73
CA MET B 18 15.71 8.25 -5.22
C MET B 18 14.38 8.84 -5.64
N VAL B 19 13.52 8.07 -6.32
CA VAL B 19 12.18 8.53 -6.69
C VAL B 19 11.15 7.59 -6.08
N ASN B 20 10.17 8.06 -5.31
CA ASN B 20 9.24 7.19 -4.62
C ASN B 20 7.80 7.58 -4.91
N GLY B 21 6.90 6.62 -5.18
CA GLY B 21 5.53 6.91 -5.49
C GLY B 21 4.67 5.89 -4.74
N PRO B 22 4.45 6.13 -3.45
CA PRO B 22 3.63 5.29 -2.60
C PRO B 22 2.20 5.39 -3.10
N GLN B 23 1.49 4.29 -3.25
CA GLN B 23 0.15 4.34 -3.84
C GLN B 23 -0.90 3.96 -2.83
N PHE B 24 -1.64 4.91 -2.27
CA PHE B 24 -2.58 4.56 -1.20
C PHE B 24 -3.97 4.86 -1.71
N GLY B 25 -4.15 5.39 -2.90
CA GLY B 25 -5.43 5.93 -3.38
C GLY B 25 -5.31 7.49 -3.30
N TRP B 26 -6.33 8.26 -3.66
CA TRP B 26 -6.29 9.72 -3.69
C TRP B 26 -7.42 10.40 -2.90
N TYR B 27 -7.08 11.30 -1.98
CA TYR B 27 -7.97 11.83 -0.96
C TYR B 27 -7.88 13.35 -0.75
N ALA B 28 -8.94 13.92 -0.19
CA ALA B 28 -8.96 15.32 0.17
C ALA B 28 -9.46 15.34 1.60
N PRO B 29 -8.72 15.93 2.52
CA PRO B 29 -7.40 16.46 2.30
C PRO B 29 -6.41 15.27 2.16
N ALA B 30 -5.20 15.55 1.76
CA ALA B 30 -4.09 14.81 1.39
C ALA B 30 -3.74 13.74 2.44
N TYR B 31 -3.42 12.59 1.81
CA TYR B 31 -3.12 11.39 2.56
C TYR B 31 -1.91 11.68 3.41
N THR B 32 -0.88 12.32 2.90
CA THR B 32 0.34 12.55 3.65
C THR B 32 0.43 14.02 4.12
N TYR B 33 1.36 14.27 5.02
CA TYR B 33 1.54 15.53 5.73
C TYR B 33 2.97 16.03 5.73
N GLY B 34 3.29 17.22 5.22
CA GLY B 34 4.69 17.68 5.09
C GLY B 34 5.18 18.25 6.42
N ILE B 35 6.43 18.01 6.81
CA ILE B 35 6.93 18.36 8.13
C ILE B 35 8.44 18.31 8.18
N GLY B 36 9.04 19.32 8.81
CA GLY B 36 10.51 19.40 8.98
C GLY B 36 10.74 19.44 10.49
N LEU B 37 11.70 18.68 10.99
CA LEU B 37 11.99 18.53 12.41
C LEU B 37 13.48 18.72 12.65
N HIS B 38 13.74 19.75 13.48
CA HIS B 38 15.11 20.22 13.68
C HIS B 38 15.42 20.39 15.17
N GLY B 39 16.06 19.44 15.80
CA GLY B 39 16.32 19.44 17.23
C GLY B 39 16.27 18.04 17.83
N ALA B 40 16.81 17.93 19.04
CA ALA B 40 16.98 16.71 19.80
C ALA B 40 17.66 15.60 19.02
N GLY B 41 18.64 15.83 18.18
CA GLY B 41 19.25 14.73 17.42
C GLY B 41 18.67 14.60 16.01
N TYR B 42 17.52 15.14 15.72
CA TYR B 42 16.82 15.14 14.45
C TYR B 42 17.06 16.36 13.59
N ASP B 43 17.23 16.18 12.30
CA ASP B 43 17.33 17.23 11.32
C ASP B 43 16.80 16.71 9.99
N VAL B 44 15.48 16.66 9.88
CA VAL B 44 14.81 15.99 8.78
C VAL B 44 13.79 16.84 8.03
N THR B 45 13.50 16.39 6.79
CA THR B 45 12.49 17.04 5.94
C THR B 45 11.78 16.02 5.05
N GLY B 46 10.48 16.16 4.81
CA GLY B 46 9.75 15.20 3.96
C GLY B 46 8.27 15.20 4.21
N ASN B 47 7.57 14.10 3.99
CA ASN B 47 6.12 14.00 4.23
C ASN B 47 5.79 12.58 4.62
N THR B 48 4.71 12.32 5.32
CA THR B 48 4.40 11.06 5.92
C THR B 48 2.91 10.95 6.09
N PRO B 49 2.37 9.75 5.90
CA PRO B 49 0.97 9.48 6.02
C PRO B 49 0.39 9.82 7.37
N PHE B 50 -0.81 10.43 7.47
CA PHE B 50 -1.46 10.68 8.73
C PHE B 50 -0.54 11.39 9.73
N ALA B 51 0.47 12.17 9.34
CA ALA B 51 1.43 12.82 10.18
C ALA B 51 1.99 11.90 11.28
N TYR B 52 2.30 10.64 11.00
CA TYR B 52 3.08 9.78 11.84
C TYR B 52 4.17 10.55 12.54
N PRO B 53 4.53 10.29 13.79
CA PRO B 53 5.79 10.77 14.37
C PRO B 53 6.96 10.48 13.45
N GLY B 54 7.11 9.25 12.91
CA GLY B 54 8.23 9.02 11.97
C GLY B 54 7.86 9.30 10.51
N LEU B 55 8.75 9.90 9.76
CA LEU B 55 8.54 10.27 8.37
C LEU B 55 8.82 9.08 7.45
N VAL B 56 7.79 8.62 6.75
CA VAL B 56 8.02 7.50 5.81
C VAL B 56 8.78 7.97 4.61
N PHE B 57 8.69 9.23 4.16
CA PHE B 57 9.42 9.67 2.96
C PHE B 57 10.24 10.92 3.21
N GLY B 58 11.55 10.87 3.18
CA GLY B 58 12.28 12.14 3.38
C GLY B 58 13.78 11.89 3.48
N HIS B 59 14.52 12.83 4.04
CA HIS B 59 15.95 12.69 4.26
C HIS B 59 16.46 13.63 5.32
N ASN B 60 17.64 13.31 5.84
CA ASN B 60 18.22 14.13 6.89
C ASN B 60 19.49 14.80 6.45
N GLY B 61 19.72 14.97 5.15
CA GLY B 61 20.92 15.62 4.67
C GLY B 61 22.06 14.65 4.43
N VAL B 62 22.08 13.45 4.96
CA VAL B 62 23.18 12.50 4.75
C VAL B 62 22.66 11.24 4.04
N ILE B 63 21.56 10.70 4.56
CA ILE B 63 20.85 9.61 3.92
C ILE B 63 19.41 9.95 3.55
N SER B 64 18.81 9.18 2.66
CA SER B 64 17.40 9.32 2.32
C SER B 64 16.74 7.92 2.32
N TRP B 65 15.47 7.85 2.59
CA TRP B 65 14.69 6.66 2.75
C TRP B 65 13.31 6.72 2.08
N GLY B 66 12.67 5.59 1.83
CA GLY B 66 11.36 5.47 1.22
C GLY B 66 10.83 4.05 1.44
N SER B 67 9.57 3.78 1.12
CA SER B 67 8.94 2.49 1.31
C SER B 67 8.03 2.05 0.15
N THR B 68 7.77 0.74 0.03
CA THR B 68 6.68 0.22 -0.78
C THR B 68 6.08 -0.92 0.03
N ALA B 69 4.87 -1.38 -0.17
CA ALA B 69 4.28 -2.52 0.52
C ALA B 69 5.01 -3.83 0.29
N GLY B 70 5.36 -4.65 1.29
CA GLY B 70 6.14 -5.85 1.10
C GLY B 70 5.33 -7.05 0.58
N PHE B 71 4.14 -7.26 1.02
CA PHE B 71 3.33 -8.40 0.70
C PHE B 71 4.00 -9.75 0.96
N GLY B 72 4.71 -9.88 2.05
CA GLY B 72 5.26 -11.20 2.39
C GLY B 72 4.12 -11.89 3.13
N ASP B 73 4.23 -13.18 3.42
CA ASP B 73 3.23 -13.88 4.19
C ASP B 73 3.63 -13.86 5.67
N ASP B 74 2.95 -12.99 6.44
CA ASP B 74 3.29 -12.89 7.86
C ASP B 74 2.09 -13.13 8.73
N VAL B 75 1.03 -13.66 8.14
CA VAL B 75 -0.19 -13.93 8.87
C VAL B 75 -0.66 -15.34 8.53
N ASP B 76 -0.87 -16.23 9.49
CA ASP B 76 -1.45 -17.54 9.24
C ASP B 76 -2.65 -17.70 10.17
N ILE B 77 -3.57 -18.54 9.76
CA ILE B 77 -4.79 -18.81 10.51
C ILE B 77 -4.72 -20.15 11.23
N PHE B 78 -5.12 -20.18 12.50
CA PHE B 78 -5.05 -21.36 13.33
C PHE B 78 -6.45 -21.87 13.65
N ALA B 79 -6.71 -23.13 13.22
CA ALA B 79 -8.04 -23.73 13.40
C ALA B 79 -8.13 -24.23 14.83
N GLU B 80 -8.79 -23.54 15.73
CA GLU B 80 -8.84 -23.96 17.13
C GLU B 80 -9.96 -24.99 17.35
N ARG B 81 -9.62 -26.03 18.13
CA ARG B 81 -10.57 -27.06 18.55
C ARG B 81 -11.42 -26.68 19.75
N LEU B 82 -12.69 -26.43 19.56
CA LEU B 82 -13.62 -26.11 20.64
C LEU B 82 -14.30 -27.34 21.23
N SER B 83 -15.11 -27.12 22.24
CA SER B 83 -15.88 -28.17 22.90
C SER B 83 -17.30 -27.66 23.18
N ALA B 84 -18.29 -28.42 22.73
CA ALA B 84 -19.71 -28.15 22.96
C ALA B 84 -20.02 -27.93 24.44
N GLU B 85 -19.41 -28.70 25.31
CA GLU B 85 -19.52 -28.58 26.76
C GLU B 85 -18.23 -27.90 27.19
N LYS B 86 -18.16 -26.94 28.09
CA LYS B 86 -16.88 -26.27 28.38
C LYS B 86 -16.53 -25.26 27.30
N PRO B 87 -17.49 -24.37 27.04
CA PRO B 87 -17.39 -23.32 26.05
C PRO B 87 -16.51 -22.18 26.54
N GLY B 88 -15.73 -21.55 25.66
CA GLY B 88 -14.84 -20.48 26.06
C GLY B 88 -13.46 -21.05 26.32
N TYR B 89 -13.34 -22.35 25.98
CA TYR B 89 -12.10 -23.09 26.15
C TYR B 89 -11.63 -23.63 24.81
N TYR B 90 -10.37 -24.00 24.72
CA TYR B 90 -9.92 -24.56 23.44
C TYR B 90 -8.76 -25.45 23.82
N LEU B 91 -8.60 -26.50 23.04
CA LEU B 91 -7.55 -27.47 23.29
C LEU B 91 -6.19 -27.01 22.87
N HIS B 92 -5.22 -26.93 23.78
CA HIS B 92 -3.88 -26.54 23.34
C HIS B 92 -2.89 -27.35 24.15
N ASN B 93 -2.01 -28.09 23.50
CA ASN B 93 -1.01 -28.92 24.09
C ASN B 93 -1.54 -29.76 25.24
N GLY B 94 -2.56 -30.56 24.92
CA GLY B 94 -3.18 -31.48 25.82
C GLY B 94 -3.90 -30.96 27.02
N LYS B 95 -4.41 -29.73 27.05
CA LYS B 95 -5.20 -29.22 28.16
C LYS B 95 -6.28 -28.30 27.59
N TRP B 96 -7.34 -28.05 28.35
CA TRP B 96 -8.40 -27.16 27.85
C TRP B 96 -8.13 -25.75 28.40
N VAL B 97 -7.56 -24.88 27.59
CA VAL B 97 -7.25 -23.52 27.93
C VAL B 97 -8.40 -22.54 27.74
N LYS B 98 -8.51 -21.60 28.69
CA LYS B 98 -9.56 -20.59 28.61
C LYS B 98 -9.12 -19.46 27.66
N MET B 99 -10.13 -18.90 27.01
CA MET B 99 -9.90 -17.82 26.07
C MET B 99 -9.82 -16.51 26.80
N LEU B 100 -9.11 -15.49 26.35
CA LEU B 100 -9.28 -14.11 26.72
C LEU B 100 -10.56 -13.60 26.04
N SER B 101 -11.29 -12.72 26.68
CA SER B 101 -12.50 -12.16 26.13
C SER B 101 -12.73 -10.74 26.65
N ARG B 102 -13.42 -9.87 25.93
CA ARG B 102 -13.61 -8.48 26.37
C ARG B 102 -14.97 -8.09 25.82
N GLU B 103 -15.69 -7.23 26.49
CA GLU B 103 -17.01 -6.78 26.08
C GLU B 103 -16.93 -5.36 25.54
N GLU B 104 -17.65 -5.04 24.48
CA GLU B 104 -17.55 -3.77 23.81
C GLU B 104 -18.97 -3.23 23.60
N THR B 105 -19.11 -1.92 23.81
CA THR B 105 -20.39 -1.27 23.57
C THR B 105 -20.18 -0.21 22.50
N ILE B 106 -21.00 -0.31 21.47
CA ILE B 106 -20.90 0.61 20.36
C ILE B 106 -22.00 1.64 20.66
N THR B 107 -21.62 2.87 20.98
CA THR B 107 -22.63 3.91 21.13
C THR B 107 -23.01 4.34 19.71
N VAL B 108 -24.26 4.66 19.46
CA VAL B 108 -24.76 5.05 18.15
C VAL B 108 -25.54 6.34 18.16
N LYS B 109 -25.14 7.37 17.44
CA LYS B 109 -25.87 8.62 17.38
C LYS B 109 -27.30 8.40 16.90
N ASN B 110 -28.35 8.78 17.60
CA ASN B 110 -29.73 8.55 17.22
C ASN B 110 -30.10 7.10 17.06
N GLY B 111 -29.50 6.21 17.83
CA GLY B 111 -29.85 4.80 17.82
C GLY B 111 -29.68 4.22 19.21
N GLN B 112 -29.94 2.94 19.33
CA GLN B 112 -29.67 2.17 20.54
C GLN B 112 -28.23 1.65 20.54
N ALA B 113 -27.55 1.50 21.66
CA ALA B 113 -26.20 1.02 21.73
C ALA B 113 -26.15 -0.49 21.54
N GLU B 114 -25.07 -1.01 21.01
CA GLU B 114 -24.88 -2.43 20.77
C GLU B 114 -23.60 -2.92 21.44
N THR B 115 -23.78 -4.07 22.08
CA THR B 115 -22.66 -4.69 22.77
C THR B 115 -22.47 -6.13 22.28
N PHE B 116 -21.19 -6.47 22.19
CA PHE B 116 -20.76 -7.74 21.64
C PHE B 116 -19.44 -8.07 22.33
N THR B 117 -19.02 -9.31 22.14
CA THR B 117 -17.79 -9.76 22.77
C THR B 117 -16.70 -10.13 21.78
N VAL B 118 -15.44 -9.83 22.11
CA VAL B 118 -14.29 -10.18 21.30
C VAL B 118 -13.52 -11.28 22.00
N TRP B 119 -13.10 -12.33 21.32
CA TRP B 119 -12.42 -13.49 21.83
C TRP B 119 -11.03 -13.63 21.24
N ARG B 120 -10.12 -14.11 22.07
CA ARG B 120 -8.71 -14.22 21.72
C ARG B 120 -8.05 -15.45 22.37
N THR B 121 -7.24 -16.14 21.60
CA THR B 121 -6.57 -17.34 22.13
C THR B 121 -5.09 -16.99 22.14
N VAL B 122 -4.25 -17.98 22.38
CA VAL B 122 -2.80 -17.78 22.30
C VAL B 122 -2.38 -17.44 20.87
N HIS B 123 -3.18 -17.85 19.84
CA HIS B 123 -2.76 -17.53 18.47
C HIS B 123 -3.23 -16.16 18.03
N GLY B 124 -4.32 -15.64 18.60
CA GLY B 124 -4.76 -14.30 18.25
C GLY B 124 -6.25 -14.15 18.38
N ASN B 125 -6.82 -13.06 17.88
CA ASN B 125 -8.25 -12.83 17.92
C ASN B 125 -8.94 -13.87 17.01
N ILE B 126 -10.15 -14.23 17.40
CA ILE B 126 -10.94 -15.19 16.66
C ILE B 126 -11.72 -14.44 15.58
N LEU B 127 -11.48 -14.79 14.35
CA LEU B 127 -12.09 -14.28 13.15
C LEU B 127 -13.52 -14.81 12.99
N GLN B 128 -13.64 -16.14 13.00
CA GLN B 128 -14.93 -16.78 12.80
C GLN B 128 -14.89 -18.17 13.43
N THR B 129 -16.09 -18.67 13.69
CA THR B 129 -16.19 -19.98 14.32
C THR B 129 -17.19 -20.82 13.52
N ASP B 130 -16.92 -22.12 13.54
CA ASP B 130 -17.80 -23.08 12.88
C ASP B 130 -18.34 -23.99 13.98
N GLN B 131 -19.56 -23.69 14.41
CA GLN B 131 -20.20 -24.44 15.48
C GLN B 131 -20.42 -25.89 15.05
N THR B 132 -20.78 -26.10 13.80
CA THR B 132 -20.92 -27.42 13.25
C THR B 132 -19.69 -28.29 13.43
N THR B 133 -18.49 -27.79 13.10
CA THR B 133 -17.28 -28.57 13.29
C THR B 133 -16.62 -28.28 14.64
N GLN B 134 -17.18 -27.35 15.41
CA GLN B 134 -16.59 -26.91 16.67
C GLN B 134 -15.14 -26.46 16.46
N THR B 135 -14.97 -25.54 15.54
CA THR B 135 -13.71 -24.98 15.12
C THR B 135 -13.86 -23.47 15.14
N ALA B 136 -12.82 -22.81 15.59
CA ALA B 136 -12.84 -21.33 15.62
C ALA B 136 -11.55 -20.91 14.94
N TYR B 137 -11.59 -19.87 14.13
CA TYR B 137 -10.32 -19.51 13.48
C TYR B 137 -9.69 -18.33 14.18
N ALA B 138 -8.44 -18.43 14.55
CA ALA B 138 -7.65 -17.36 15.12
C ALA B 138 -6.64 -16.83 14.10
N LYS B 139 -6.66 -15.51 13.89
CA LYS B 139 -5.68 -14.92 12.95
C LYS B 139 -4.41 -14.62 13.74
N SER B 140 -3.28 -15.16 13.33
CA SER B 140 -2.03 -14.96 14.03
C SER B 140 -1.05 -14.19 13.17
N ARG B 141 -0.70 -12.99 13.63
CA ARG B 141 0.25 -12.14 12.96
C ARG B 141 1.64 -12.32 13.52
N ALA B 142 2.69 -12.36 12.73
CA ALA B 142 4.03 -12.45 13.22
C ALA B 142 4.42 -11.14 13.93
N TRP B 143 3.79 -10.00 13.67
CA TRP B 143 4.20 -8.75 14.24
C TRP B 143 3.43 -8.45 15.53
N ASP B 144 2.55 -9.32 15.94
CA ASP B 144 1.70 -9.07 17.10
C ASP B 144 2.53 -8.72 18.32
N GLY B 145 2.27 -7.64 19.05
CA GLY B 145 3.20 -7.35 20.16
C GLY B 145 4.34 -6.48 19.75
N LYS B 146 4.45 -5.99 18.52
CA LYS B 146 5.58 -5.19 18.09
C LYS B 146 5.09 -3.98 17.27
N GLU B 147 3.84 -3.65 17.35
CA GLU B 147 3.26 -2.52 16.66
C GLU B 147 3.94 -1.23 17.07
N VAL B 148 4.00 -0.96 18.37
CA VAL B 148 4.65 0.28 18.86
C VAL B 148 6.12 0.33 18.53
N ALA B 149 6.83 -0.79 18.69
CA ALA B 149 8.27 -0.77 18.32
C ALA B 149 8.41 -0.49 16.82
N SER B 150 7.41 -0.85 15.98
CA SER B 150 7.63 -0.62 14.53
C SER B 150 7.52 0.88 14.22
N LEU B 151 6.58 1.54 14.87
CA LEU B 151 6.38 2.99 14.83
C LEU B 151 7.66 3.73 15.26
N LEU B 152 8.25 3.26 16.35
CA LEU B 152 9.52 3.80 16.83
C LEU B 152 10.68 3.52 15.92
N ALA B 153 10.73 2.33 15.30
CA ALA B 153 11.90 2.11 14.39
C ALA B 153 11.80 3.06 13.22
N TRP B 154 10.58 3.41 12.76
CA TRP B 154 10.42 4.37 11.67
C TRP B 154 10.78 5.81 12.10
N THR B 155 10.68 6.08 13.41
CA THR B 155 11.13 7.36 13.95
C THR B 155 12.64 7.41 14.12
N HIS B 156 13.25 6.42 14.78
CA HIS B 156 14.69 6.47 15.05
C HIS B 156 15.56 6.39 13.79
N GLN B 157 15.05 5.71 12.75
CA GLN B 157 15.84 5.58 11.53
C GLN B 157 16.13 6.92 10.85
N MET B 158 15.31 7.93 11.15
CA MET B 158 15.58 9.26 10.62
C MET B 158 16.88 9.84 11.16
N LYS B 159 17.43 9.39 12.28
CA LYS B 159 18.75 9.81 12.73
C LYS B 159 19.93 9.05 12.18
N ALA B 160 19.81 7.90 11.53
CA ALA B 160 20.93 7.15 10.99
C ALA B 160 21.74 7.96 9.98
N LYS B 161 23.03 7.69 9.96
CA LYS B 161 23.94 8.41 9.08
C LYS B 161 24.63 7.46 8.12
N ASN B 162 24.39 6.15 8.25
CA ASN B 162 25.03 5.20 7.33
C ASN B 162 24.18 3.93 7.30
N TRP B 163 24.65 2.97 6.53
CA TRP B 163 23.93 1.74 6.29
C TRP B 163 23.80 0.88 7.52
N GLN B 164 24.91 0.81 8.22
CA GLN B 164 24.98 0.05 9.47
C GLN B 164 24.00 0.61 10.48
N GLN B 165 23.95 1.95 10.65
CA GLN B 165 22.99 2.44 11.64
C GLN B 165 21.56 2.24 11.14
N TRP B 166 21.38 2.49 9.84
CA TRP B 166 20.00 2.35 9.30
C TRP B 166 19.49 0.92 9.38
N THR B 167 20.33 -0.10 9.11
CA THR B 167 19.81 -1.48 9.18
C THR B 167 19.53 -1.96 10.58
N GLN B 168 20.15 -1.28 11.56
CA GLN B 168 19.80 -1.57 12.95
C GLN B 168 18.35 -1.29 13.26
N GLN B 169 17.85 -0.18 12.66
CA GLN B 169 16.46 0.17 12.86
C GLN B 169 15.54 -0.61 11.94
N ALA B 170 16.01 -0.98 10.75
CA ALA B 170 15.21 -1.79 9.85
C ALA B 170 14.93 -3.13 10.51
N ALA B 171 15.92 -3.64 11.29
CA ALA B 171 15.71 -4.93 11.96
C ALA B 171 14.64 -4.87 13.03
N LYS B 172 14.18 -3.70 13.47
CA LYS B 172 13.13 -3.60 14.43
C LYS B 172 11.79 -3.32 13.79
N GLN B 173 11.71 -2.98 12.53
CA GLN B 173 10.41 -2.75 11.96
C GLN B 173 9.73 -4.04 11.64
N ALA B 174 8.65 -4.39 12.29
CA ALA B 174 8.13 -5.74 12.13
C ALA B 174 7.05 -5.96 11.08
N LEU B 175 6.51 -4.97 10.38
CA LEU B 175 5.45 -5.10 9.42
C LEU B 175 6.03 -5.47 8.04
N THR B 176 5.26 -6.14 7.14
CA THR B 176 5.88 -6.49 5.88
C THR B 176 5.94 -5.28 4.94
N ILE B 177 7.08 -4.62 4.81
CA ILE B 177 7.31 -3.39 4.12
C ILE B 177 8.69 -3.45 3.52
N ASN B 178 8.78 -3.01 2.25
CA ASN B 178 10.10 -2.78 1.66
C ASN B 178 10.64 -1.41 2.13
N TRP B 179 11.93 -1.31 2.48
CA TRP B 179 12.59 -0.10 2.88
C TRP B 179 13.73 0.17 1.93
N TYR B 180 14.02 1.44 1.61
CA TYR B 180 15.05 1.78 0.64
C TYR B 180 15.94 2.88 1.22
N TYR B 181 17.18 2.87 0.80
CA TYR B 181 18.27 3.65 1.31
C TYR B 181 19.00 4.38 0.22
N ALA B 182 19.45 5.62 0.42
CA ALA B 182 20.40 6.26 -0.51
C ALA B 182 21.29 7.18 0.33
N ASP B 183 22.51 7.53 -0.12
CA ASP B 183 23.29 8.42 0.77
C ASP B 183 24.13 9.41 -0.02
N VAL B 184 24.77 10.35 0.69
CA VAL B 184 25.55 11.38 0.03
C VAL B 184 26.75 10.86 -0.75
N ASN B 185 27.24 9.68 -0.39
CA ASN B 185 28.37 9.12 -1.12
C ASN B 185 27.92 8.25 -2.30
N GLY B 186 26.62 8.17 -2.58
CA GLY B 186 26.16 7.41 -3.73
C GLY B 186 25.88 5.94 -3.42
N ASN B 187 25.92 5.46 -2.20
CA ASN B 187 25.57 4.11 -1.86
C ASN B 187 24.04 3.96 -1.90
N ILE B 188 23.51 2.77 -2.26
CA ILE B 188 22.07 2.56 -2.29
C ILE B 188 21.79 1.20 -1.69
N GLY B 189 20.64 0.99 -1.10
CA GLY B 189 20.27 -0.25 -0.48
C GLY B 189 18.78 -0.48 -0.35
N TYR B 190 18.46 -1.74 -0.11
CA TYR B 190 17.10 -2.25 0.00
C TYR B 190 16.98 -3.33 1.05
N VAL B 191 15.91 -3.30 1.83
CA VAL B 191 15.68 -4.34 2.82
C VAL B 191 14.15 -4.65 2.75
N HIS B 192 13.79 -5.90 2.57
CA HIS B 192 12.42 -6.36 2.70
C HIS B 192 12.24 -6.62 4.22
N THR B 193 11.74 -5.59 4.90
CA THR B 193 11.65 -5.71 6.36
C THR B 193 10.51 -6.56 6.87
N GLY B 194 10.51 -6.85 8.18
CA GLY B 194 9.41 -7.44 8.88
C GLY B 194 9.74 -8.73 9.61
N ALA B 195 8.84 -9.17 10.44
CA ALA B 195 8.90 -10.37 11.23
C ALA B 195 8.18 -11.49 10.45
N TYR B 196 8.83 -12.60 10.15
CA TYR B 196 8.26 -13.76 9.46
C TYR B 196 8.40 -14.96 10.39
N PRO B 197 7.36 -15.76 10.49
CA PRO B 197 7.31 -16.94 11.32
C PRO B 197 8.28 -18.04 10.95
N ASP B 198 8.74 -18.83 11.91
CA ASP B 198 9.65 -19.95 11.65
C ASP B 198 8.73 -21.18 11.73
N ARG B 199 8.31 -21.63 10.54
CA ARG B 199 7.23 -22.62 10.54
C ARG B 199 7.76 -24.04 10.68
N GLN B 200 7.01 -24.90 11.30
CA GLN B 200 7.26 -26.32 11.38
C GLN B 200 7.33 -26.91 9.96
N SER B 201 8.09 -27.96 9.79
CA SER B 201 8.16 -28.69 8.53
C SER B 201 6.82 -29.27 8.11
N GLY B 202 6.47 -29.09 6.83
CA GLY B 202 5.18 -29.53 6.31
C GLY B 202 4.01 -28.57 6.42
N HIS B 203 4.25 -27.38 6.96
CA HIS B 203 3.22 -26.35 7.11
C HIS B 203 3.08 -25.66 5.75
N ASP B 204 1.98 -25.75 5.08
CA ASP B 204 1.77 -25.07 3.79
C ASP B 204 1.14 -23.73 4.20
N PRO B 205 1.85 -22.63 4.03
CA PRO B 205 1.43 -21.33 4.52
C PRO B 205 0.26 -20.70 3.77
N ARG B 206 -0.38 -21.36 2.81
CA ARG B 206 -1.53 -20.83 2.09
C ARG B 206 -2.83 -21.28 2.68
N LEU B 207 -2.72 -22.21 3.64
CA LEU B 207 -3.98 -22.78 4.18
C LEU B 207 -3.92 -22.83 5.68
N PRO B 208 -5.01 -22.98 6.36
CA PRO B 208 -5.06 -23.04 7.81
C PRO B 208 -4.35 -24.20 8.45
N VAL B 209 -3.90 -24.09 9.68
CA VAL B 209 -3.27 -25.16 10.42
C VAL B 209 -4.05 -25.33 11.72
N PRO B 210 -4.13 -26.58 12.19
CA PRO B 210 -4.78 -26.95 13.44
C PRO B 210 -4.16 -26.16 14.59
N GLY B 211 -4.92 -25.62 15.53
CA GLY B 211 -4.33 -24.87 16.62
C GLY B 211 -4.04 -25.70 17.88
N THR B 212 -3.99 -27.02 17.78
CA THR B 212 -3.94 -27.87 18.97
C THR B 212 -2.53 -27.99 19.55
N GLY B 213 -1.48 -27.53 18.88
CA GLY B 213 -0.16 -27.48 19.46
C GLY B 213 1.00 -27.83 18.60
N LYS B 214 0.87 -28.81 17.76
CA LYS B 214 1.91 -29.41 16.94
C LYS B 214 2.26 -28.50 15.77
N TRP B 215 1.35 -27.65 15.34
CA TRP B 215 1.65 -26.75 14.22
C TRP B 215 2.10 -25.36 14.61
N ASP B 216 2.20 -25.11 15.92
CA ASP B 216 2.59 -23.79 16.41
C ASP B 216 3.93 -23.39 15.79
N TRP B 217 4.08 -22.11 15.45
CA TRP B 217 5.34 -21.59 14.95
C TRP B 217 6.39 -21.89 16.03
N LYS B 218 7.63 -21.90 15.61
CA LYS B 218 8.76 -22.23 16.45
C LYS B 218 9.30 -20.93 17.01
N GLY B 219 8.99 -19.83 16.32
CA GLY B 219 9.52 -18.51 16.70
C GLY B 219 9.44 -17.65 15.44
N LEU B 220 10.41 -16.76 15.27
CA LEU B 220 10.43 -15.82 14.17
C LEU B 220 11.80 -16.00 13.51
N LEU B 221 11.93 -15.80 12.23
CA LEU B 221 13.19 -16.02 11.54
C LEU B 221 14.06 -14.84 11.88
N PRO B 222 15.36 -15.00 11.84
CA PRO B 222 16.28 -13.94 12.19
C PRO B 222 16.27 -12.95 11.04
N PHE B 223 16.69 -11.73 11.28
CA PHE B 223 16.90 -10.65 10.35
C PHE B 223 17.89 -11.03 9.28
N GLU B 224 18.83 -11.95 9.53
CA GLU B 224 19.75 -12.38 8.46
C GLU B 224 18.93 -13.00 7.30
N MET B 225 17.77 -13.63 7.52
CA MET B 225 16.97 -14.18 6.46
C MET B 225 16.21 -13.15 5.61
N ASN B 226 15.99 -11.93 6.12
CA ASN B 226 15.25 -10.96 5.31
C ASN B 226 16.02 -10.58 4.05
N PRO B 227 15.39 -10.73 2.90
CA PRO B 227 15.98 -10.34 1.63
C PRO B 227 16.51 -8.91 1.74
N LYS B 228 17.72 -8.67 1.27
CA LYS B 228 18.34 -7.36 1.39
C LYS B 228 19.50 -7.23 0.43
N VAL B 229 19.80 -6.11 -0.17
CA VAL B 229 20.95 -5.97 -1.07
C VAL B 229 21.54 -4.59 -0.82
N TYR B 230 22.85 -4.47 -0.93
CA TYR B 230 23.52 -3.19 -0.76
C TYR B 230 24.38 -2.92 -1.97
N ASN B 231 24.25 -1.75 -2.63
CA ASN B 231 25.14 -1.56 -3.79
C ASN B 231 25.12 -2.73 -4.76
N PRO B 232 23.93 -3.05 -5.29
CA PRO B 232 23.71 -4.09 -6.30
C PRO B 232 24.55 -3.95 -7.54
N GLN B 233 25.00 -5.03 -8.18
CA GLN B 233 25.81 -4.99 -9.39
C GLN B 233 25.17 -4.21 -10.53
N SER B 234 23.84 -4.25 -10.67
CA SER B 234 23.11 -3.48 -11.64
C SER B 234 23.22 -1.97 -11.53
N GLY B 235 23.37 -1.40 -10.35
CA GLY B 235 23.40 0.05 -10.23
C GLY B 235 22.07 0.68 -9.87
N TYR B 236 21.04 -0.14 -9.67
CA TYR B 236 19.74 0.46 -9.33
C TYR B 236 18.88 -0.57 -8.63
N ILE B 237 17.87 -0.09 -7.93
CA ILE B 237 16.88 -0.87 -7.23
C ILE B 237 15.49 -0.38 -7.70
N ALA B 238 14.68 -1.28 -8.28
CA ALA B 238 13.33 -0.98 -8.70
C ALA B 238 12.31 -1.93 -8.10
N ASN B 239 11.14 -1.39 -7.74
CA ASN B 239 10.11 -2.23 -7.12
C ASN B 239 8.75 -1.64 -7.47
N TRP B 240 7.73 -2.48 -7.61
CA TRP B 240 6.38 -1.99 -7.89
C TRP B 240 5.55 -3.05 -7.22
N ASN B 241 5.99 -3.43 -6.02
CA ASN B 241 5.32 -4.44 -5.19
C ASN B 241 5.49 -5.87 -5.75
N ASN B 242 6.55 -6.08 -6.52
CA ASN B 242 6.92 -7.33 -7.08
C ASN B 242 7.80 -8.02 -6.04
N SER B 243 8.18 -9.23 -6.40
CA SER B 243 8.95 -10.05 -5.49
C SER B 243 10.31 -9.42 -5.16
N PRO B 244 10.69 -9.51 -3.90
CA PRO B 244 11.98 -9.06 -3.42
C PRO B 244 13.14 -9.84 -4.01
N GLN B 245 12.97 -11.18 -4.06
CA GLN B 245 14.04 -12.10 -4.35
C GLN B 245 13.64 -13.45 -4.92
N LYS B 246 14.56 -14.12 -5.63
CA LYS B 246 14.26 -15.45 -6.15
C LYS B 246 13.91 -16.45 -5.05
N ASP B 247 12.78 -17.10 -5.16
CA ASP B 247 12.25 -18.10 -4.26
C ASP B 247 11.54 -17.57 -3.01
N TYR B 248 11.31 -16.27 -2.94
CA TYR B 248 10.59 -15.72 -1.79
C TYR B 248 9.11 -15.84 -2.00
N PRO B 249 8.39 -16.42 -1.09
CA PRO B 249 6.95 -16.64 -1.20
C PRO B 249 6.17 -15.38 -0.87
N ALA B 250 5.08 -15.12 -1.58
CA ALA B 250 4.22 -13.97 -1.42
C ALA B 250 3.11 -14.24 -0.43
N SER B 251 2.43 -13.16 -0.08
CA SER B 251 1.23 -13.20 0.75
C SER B 251 0.41 -14.44 0.31
N ASP B 252 -0.38 -15.02 1.16
CA ASP B 252 -1.32 -16.06 0.79
C ASP B 252 -2.63 -15.60 0.16
N LEU B 253 -2.78 -14.30 -0.18
CA LEU B 253 -4.03 -13.85 -0.78
C LEU B 253 -4.26 -14.57 -2.12
N PHE B 254 -5.49 -15.02 -2.34
CA PHE B 254 -5.74 -15.76 -3.60
C PHE B 254 -5.64 -14.82 -4.80
N ALA B 255 -5.93 -13.54 -4.62
CA ALA B 255 -5.79 -12.57 -5.69
C ALA B 255 -4.40 -12.02 -5.87
N PHE B 256 -3.39 -12.50 -5.14
CA PHE B 256 -2.07 -11.86 -5.27
C PHE B 256 -1.05 -12.89 -5.73
N LEU B 257 -0.32 -12.62 -6.81
CA LEU B 257 0.68 -13.52 -7.29
C LEU B 257 1.88 -12.72 -7.77
N TRP B 258 3.04 -13.34 -7.66
CA TRP B 258 4.28 -12.88 -8.22
C TRP B 258 4.59 -13.97 -9.29
N GLY B 259 4.43 -13.65 -10.54
CA GLY B 259 4.66 -14.53 -11.67
C GLY B 259 5.47 -13.89 -12.77
N GLY B 260 5.55 -14.56 -13.92
CA GLY B 260 6.29 -14.06 -15.05
C GLY B 260 5.75 -12.73 -15.57
N ALA B 261 4.44 -12.50 -15.54
CA ALA B 261 3.86 -11.22 -15.92
C ALA B 261 3.84 -10.32 -14.65
N ASP B 262 4.58 -9.24 -14.62
CA ASP B 262 4.68 -8.37 -13.47
C ASP B 262 4.82 -6.92 -13.96
N ARG B 263 4.14 -5.95 -13.39
CA ARG B 263 4.32 -4.56 -13.85
C ARG B 263 5.68 -3.96 -13.58
N VAL B 264 6.54 -4.51 -12.75
CA VAL B 264 7.84 -3.84 -12.50
C VAL B 264 8.72 -3.84 -13.73
N THR B 265 8.51 -4.79 -14.66
CA THR B 265 9.25 -4.84 -15.91
C THR B 265 9.14 -3.55 -16.69
N GLU B 266 8.04 -2.82 -16.57
CA GLU B 266 7.84 -1.53 -17.18
C GLU B 266 8.86 -0.55 -16.62
N ILE B 267 9.24 -0.62 -15.36
CA ILE B 267 10.22 0.32 -14.80
C ILE B 267 11.62 -0.13 -15.23
N ASP B 268 11.85 -1.45 -15.09
CA ASP B 268 13.13 -1.99 -15.57
C ASP B 268 13.53 -1.59 -16.99
N ARG B 269 12.59 -1.72 -17.95
CA ARG B 269 12.91 -1.40 -19.34
C ARG B 269 13.37 0.07 -19.42
N LEU B 270 12.66 0.98 -18.75
CA LEU B 270 13.10 2.37 -18.84
C LEU B 270 14.44 2.59 -18.16
N LEU B 271 14.75 1.96 -17.04
CA LEU B 271 16.04 2.18 -16.42
C LEU B 271 17.18 1.48 -17.15
N GLU B 272 16.90 0.40 -17.87
CA GLU B 272 17.97 -0.23 -18.65
C GLU B 272 18.20 0.41 -20.01
N GLN B 273 17.26 1.19 -20.49
CA GLN B 273 17.35 1.86 -21.78
C GLN B 273 18.50 2.85 -21.92
N LYS B 274 18.84 3.56 -20.87
CA LYS B 274 19.90 4.55 -20.91
C LYS B 274 20.98 4.09 -19.95
N PRO B 275 22.22 4.26 -20.36
CA PRO B 275 23.39 3.93 -19.55
C PRO B 275 23.37 4.76 -18.27
N ARG B 276 23.10 6.07 -18.27
CA ARG B 276 23.00 6.85 -17.07
C ARG B 276 21.73 7.70 -17.14
N LEU B 277 21.20 8.11 -16.00
CA LEU B 277 20.04 8.97 -15.94
C LEU B 277 20.31 10.24 -15.13
N THR B 278 19.74 11.36 -15.52
CA THR B 278 19.78 12.59 -14.72
C THR B 278 18.55 12.55 -13.81
N ALA B 279 18.46 13.46 -12.86
CA ALA B 279 17.29 13.65 -12.01
C ALA B 279 16.04 13.95 -12.85
N ASP B 280 16.18 14.80 -13.86
CA ASP B 280 15.04 15.11 -14.74
C ASP B 280 14.52 13.87 -15.50
N GLN B 281 15.40 13.01 -15.92
CA GLN B 281 15.03 11.74 -16.52
C GLN B 281 14.49 10.75 -15.50
N ALA B 282 15.05 10.68 -14.29
CA ALA B 282 14.46 9.84 -13.26
C ALA B 282 13.04 10.28 -12.91
N TRP B 283 12.78 11.57 -12.87
CA TRP B 283 11.46 12.10 -12.56
C TRP B 283 10.49 11.78 -13.71
N ASP B 284 10.93 11.92 -14.95
CA ASP B 284 10.17 11.61 -16.13
C ASP B 284 9.65 10.18 -16.25
N VAL B 285 10.29 9.20 -15.62
CA VAL B 285 9.77 7.83 -15.51
C VAL B 285 8.41 7.84 -14.80
N ILE B 286 8.10 8.77 -13.92
CA ILE B 286 6.76 8.82 -13.32
C ILE B 286 5.75 9.07 -14.44
N ARG B 287 6.01 10.03 -15.32
CA ARG B 287 5.05 10.32 -16.36
C ARG B 287 4.89 9.14 -17.35
N GLN B 288 5.92 8.49 -17.84
CA GLN B 288 5.72 7.32 -18.72
C GLN B 288 5.00 6.14 -18.06
N THR B 289 5.44 5.72 -16.88
CA THR B 289 4.77 4.59 -16.24
C THR B 289 3.34 4.93 -15.88
N SER B 290 3.02 6.18 -15.52
CA SER B 290 1.66 6.57 -15.22
C SER B 290 0.67 6.24 -16.33
N ARG B 291 1.14 6.42 -17.57
CA ARG B 291 0.32 6.33 -18.75
C ARG B 291 0.40 5.01 -19.54
N GLN B 292 1.19 4.07 -19.10
CA GLN B 292 1.45 2.82 -19.81
C GLN B 292 0.42 1.74 -19.62
N ASP B 293 -0.19 1.26 -20.71
CA ASP B 293 -1.07 0.06 -20.59
C ASP B 293 -0.18 -1.10 -20.13
N LEU B 294 -0.50 -1.88 -19.14
CA LEU B 294 0.26 -2.96 -18.57
C LEU B 294 0.03 -4.29 -19.26
N ASN B 295 -0.99 -4.44 -20.09
CA ASN B 295 -1.21 -5.77 -20.70
C ASN B 295 -0.67 -5.89 -22.12
N LEU B 296 -0.47 -4.81 -22.84
CA LEU B 296 -0.01 -4.86 -24.20
C LEU B 296 1.23 -5.72 -24.38
N ARG B 297 2.28 -5.45 -23.64
CA ARG B 297 3.57 -6.09 -23.64
C ARG B 297 3.37 -7.61 -23.52
N LEU B 298 2.54 -8.09 -22.65
CA LEU B 298 2.32 -9.45 -22.27
C LEU B 298 1.67 -10.28 -23.39
N PHE B 299 0.65 -9.79 -24.07
CA PHE B 299 -0.21 -10.53 -24.94
C PHE B 299 -0.12 -10.04 -26.39
N LEU B 300 0.72 -9.05 -26.70
CA LEU B 300 0.88 -8.69 -28.11
C LEU B 300 1.51 -9.76 -29.01
N PRO B 301 2.57 -10.42 -28.65
CA PRO B 301 3.14 -11.57 -29.34
C PRO B 301 2.16 -12.72 -29.61
N THR B 302 1.25 -13.08 -28.73
CA THR B 302 0.23 -14.08 -28.87
C THR B 302 -0.82 -13.67 -29.92
N LEU B 303 -1.22 -12.41 -29.89
CA LEU B 303 -2.17 -11.84 -30.83
C LEU B 303 -1.56 -11.83 -32.22
N GLN B 304 -0.29 -11.46 -32.35
CA GLN B 304 0.38 -11.36 -33.61
C GLN B 304 0.55 -12.73 -34.27
N ALA B 305 0.96 -13.73 -33.49
CA ALA B 305 1.09 -15.08 -34.02
C ALA B 305 -0.28 -15.60 -34.45
N ALA B 306 -1.32 -15.41 -33.69
CA ALA B 306 -2.63 -15.90 -34.06
C ALA B 306 -3.21 -15.29 -35.32
N THR B 307 -2.98 -14.05 -35.68
CA THR B 307 -3.62 -13.41 -36.81
C THR B 307 -2.68 -13.35 -38.00
N SER B 308 -1.48 -13.90 -37.88
CA SER B 308 -0.51 -13.86 -38.95
C SER B 308 -1.00 -14.46 -40.28
N GLY B 309 -1.79 -15.52 -40.31
CA GLY B 309 -2.28 -16.06 -41.56
C GLY B 309 -3.65 -15.55 -41.99
N LEU B 310 -4.10 -14.41 -41.46
CA LEU B 310 -5.38 -13.85 -41.79
C LEU B 310 -5.21 -12.82 -42.90
N THR B 311 -6.28 -12.61 -43.65
CA THR B 311 -6.26 -11.62 -44.72
C THR B 311 -6.49 -10.25 -44.09
N GLN B 312 -6.03 -9.26 -44.81
CA GLN B 312 -6.14 -7.82 -44.52
C GLN B 312 -7.57 -7.34 -44.33
N SER B 313 -8.57 -7.97 -44.96
CA SER B 313 -9.93 -7.48 -44.70
C SER B 313 -10.54 -8.20 -43.51
N ASP B 314 -9.85 -9.12 -42.85
CA ASP B 314 -10.43 -9.78 -41.69
C ASP B 314 -10.28 -8.79 -40.52
N PRO B 315 -11.38 -8.35 -39.97
CA PRO B 315 -11.45 -7.43 -38.85
C PRO B 315 -10.63 -7.85 -37.63
N ARG B 316 -10.56 -9.13 -37.26
CA ARG B 316 -9.70 -9.62 -36.20
C ARG B 316 -8.26 -9.18 -36.40
N ARG B 317 -7.82 -9.22 -37.67
CA ARG B 317 -6.45 -8.85 -37.96
C ARG B 317 -6.25 -7.33 -37.90
N GLN B 318 -7.25 -6.57 -38.30
CA GLN B 318 -7.20 -5.12 -38.25
C GLN B 318 -7.05 -4.63 -36.80
N LEU B 319 -7.81 -5.26 -35.88
CA LEU B 319 -7.64 -5.04 -34.46
C LEU B 319 -6.19 -5.28 -34.02
N VAL B 320 -5.53 -6.35 -34.46
CA VAL B 320 -4.13 -6.60 -34.07
C VAL B 320 -3.17 -5.62 -34.70
N GLU B 321 -3.51 -5.11 -35.89
CA GLU B 321 -2.59 -4.14 -36.50
C GLU B 321 -2.60 -2.76 -35.83
N THR B 322 -3.75 -2.33 -35.36
CA THR B 322 -3.89 -1.14 -34.54
C THR B 322 -3.03 -1.28 -33.28
N LEU B 323 -3.13 -2.39 -32.55
CA LEU B 323 -2.27 -2.65 -31.42
C LEU B 323 -0.80 -2.68 -31.77
N THR B 324 -0.43 -3.16 -32.95
CA THR B 324 0.99 -3.22 -33.32
C THR B 324 1.62 -1.89 -33.62
N ARG B 325 0.81 -0.92 -34.05
CA ARG B 325 1.30 0.41 -34.27
C ARG B 325 1.41 1.24 -32.97
N TRP B 326 0.80 0.81 -31.86
CA TRP B 326 0.67 1.58 -30.64
C TRP B 326 1.86 1.37 -29.72
N ASP B 327 2.36 2.34 -28.98
CA ASP B 327 3.43 2.06 -28.01
C ASP B 327 2.79 1.77 -26.64
N GLY B 328 1.46 1.84 -26.54
CA GLY B 328 0.80 1.55 -25.29
C GLY B 328 0.74 2.71 -24.32
N ILE B 329 1.24 3.89 -24.67
CA ILE B 329 1.10 5.06 -23.81
C ILE B 329 -0.27 5.70 -24.01
N ASN B 330 -1.16 5.79 -23.04
CA ASN B 330 -2.46 6.40 -23.25
C ASN B 330 -2.32 7.93 -23.13
N LEU B 331 -2.98 8.67 -24.00
CA LEU B 331 -2.94 10.15 -23.99
C LEU B 331 -4.33 10.71 -24.16
N LEU B 332 -4.81 11.68 -23.42
CA LEU B 332 -6.17 12.17 -23.65
C LEU B 332 -6.34 12.93 -24.98
N ASN B 333 -7.51 12.90 -25.59
CA ASN B 333 -7.76 13.82 -26.71
C ASN B 333 -7.98 15.21 -26.13
N ASP B 334 -8.23 16.19 -27.01
CA ASP B 334 -8.55 17.56 -26.67
C ASP B 334 -9.85 17.74 -25.89
N ASP B 335 -10.76 16.79 -25.96
CA ASP B 335 -12.01 16.87 -25.24
C ASP B 335 -11.84 16.63 -23.75
N GLY B 336 -10.68 16.16 -23.29
CA GLY B 336 -10.54 15.83 -21.87
C GLY B 336 -11.37 14.65 -21.43
N LYS B 337 -11.82 13.77 -22.34
CA LYS B 337 -12.53 12.59 -21.84
C LYS B 337 -12.36 11.31 -22.63
N THR B 338 -11.69 11.29 -23.78
CA THR B 338 -11.50 10.05 -24.49
C THR B 338 -10.01 9.85 -24.75
N TRP B 339 -9.66 8.58 -24.91
CA TRP B 339 -8.22 8.34 -25.24
C TRP B 339 -7.99 8.46 -26.73
N GLN B 340 -6.82 8.85 -27.17
CA GLN B 340 -6.40 9.01 -28.52
C GLN B 340 -6.35 7.69 -29.29
N GLN B 341 -6.09 6.55 -28.70
CA GLN B 341 -6.01 5.29 -29.40
C GLN B 341 -6.90 4.32 -28.64
N PRO B 342 -7.61 3.44 -29.29
CA PRO B 342 -8.50 2.46 -28.69
C PRO B 342 -7.89 1.20 -28.12
N GLY B 343 -6.58 1.03 -28.03
CA GLY B 343 -5.88 -0.11 -27.52
C GLY B 343 -6.32 -0.70 -26.21
N SER B 344 -6.53 0.12 -25.18
CA SER B 344 -6.90 -0.38 -23.87
C SER B 344 -8.29 -0.96 -23.97
N ALA B 345 -9.20 -0.35 -24.74
CA ALA B 345 -10.56 -0.90 -24.80
C ALA B 345 -10.56 -2.26 -25.51
N ILE B 346 -9.80 -2.41 -26.61
CA ILE B 346 -9.57 -3.67 -27.25
C ILE B 346 -9.02 -4.77 -26.34
N LEU B 347 -7.94 -4.49 -25.60
CA LEU B 347 -7.35 -5.47 -24.67
C LEU B 347 -8.31 -5.86 -23.56
N ASN B 348 -9.06 -4.85 -23.11
CA ASN B 348 -10.03 -5.09 -22.06
C ASN B 348 -11.01 -6.13 -22.56
N VAL B 349 -11.69 -5.86 -23.69
CA VAL B 349 -12.73 -6.77 -24.16
C VAL B 349 -12.13 -8.13 -24.56
N TRP B 350 -10.96 -8.15 -25.17
CA TRP B 350 -10.30 -9.40 -25.51
C TRP B 350 -10.01 -10.28 -24.31
N LEU B 351 -9.39 -9.68 -23.30
CA LEU B 351 -8.96 -10.33 -22.08
C LEU B 351 -10.17 -10.84 -21.34
N THR B 352 -11.27 -10.07 -21.32
CA THR B 352 -12.44 -10.56 -20.59
C THR B 352 -12.93 -11.86 -21.23
N SER B 353 -12.94 -11.85 -22.57
CA SER B 353 -13.39 -13.02 -23.31
C SER B 353 -12.47 -14.22 -23.14
N MET B 354 -11.17 -13.99 -23.20
CA MET B 354 -10.17 -15.04 -23.03
C MET B 354 -10.24 -15.65 -21.64
N LEU B 355 -10.56 -14.85 -20.61
CA LEU B 355 -10.57 -15.37 -19.26
C LEU B 355 -11.80 -16.23 -19.08
N LYS B 356 -12.91 -15.73 -19.60
CA LYS B 356 -14.17 -16.48 -19.55
C LYS B 356 -14.07 -17.81 -20.29
N ARG B 357 -13.30 -17.90 -21.37
CA ARG B 357 -13.09 -19.15 -22.10
C ARG B 357 -12.05 -20.10 -21.49
N THR B 358 -11.11 -19.65 -20.66
CA THR B 358 -10.03 -20.45 -20.14
C THR B 358 -10.03 -20.60 -18.62
N VAL B 359 -9.52 -19.63 -17.83
CA VAL B 359 -9.40 -19.76 -16.40
C VAL B 359 -10.75 -19.95 -15.72
N VAL B 360 -11.69 -19.09 -16.03
CA VAL B 360 -13.03 -19.12 -15.48
C VAL B 360 -13.71 -20.45 -15.70
N ALA B 361 -13.60 -21.02 -16.88
CA ALA B 361 -14.15 -22.33 -17.21
C ALA B 361 -13.57 -23.46 -16.39
N ALA B 362 -12.32 -23.47 -15.96
CA ALA B 362 -11.74 -24.55 -15.17
C ALA B 362 -12.03 -24.49 -13.67
N VAL B 363 -12.60 -23.38 -13.19
CA VAL B 363 -12.87 -23.25 -11.77
C VAL B 363 -14.33 -23.30 -11.43
N PRO B 364 -14.69 -24.13 -10.44
CA PRO B 364 -16.06 -24.29 -10.00
C PRO B 364 -16.62 -22.97 -9.46
N MET B 365 -17.90 -22.73 -9.71
CA MET B 365 -18.64 -21.65 -9.08
C MET B 365 -18.79 -21.96 -7.58
N PRO B 366 -18.69 -20.91 -6.79
CA PRO B 366 -18.60 -19.53 -7.20
C PRO B 366 -17.21 -18.93 -7.20
N PHE B 367 -16.18 -19.75 -7.26
CA PHE B 367 -14.82 -19.30 -7.25
C PHE B 367 -14.39 -18.80 -8.62
N ASP B 368 -15.16 -19.12 -9.65
CA ASP B 368 -14.84 -18.60 -10.98
C ASP B 368 -14.82 -17.08 -11.10
N LYS B 369 -15.63 -16.37 -10.36
CA LYS B 369 -15.69 -14.94 -10.25
C LYS B 369 -14.41 -14.32 -9.70
N TRP B 370 -13.58 -15.06 -8.96
CA TRP B 370 -12.28 -14.50 -8.59
C TRP B 370 -11.35 -14.35 -9.78
N TYR B 371 -11.54 -14.98 -10.93
CA TYR B 371 -10.56 -15.00 -11.98
C TYR B 371 -11.06 -14.36 -13.26
N SER B 372 -12.23 -13.76 -13.27
CA SER B 372 -12.75 -13.14 -14.46
C SER B 372 -12.38 -11.69 -14.69
N ALA B 373 -11.79 -10.92 -13.76
CA ALA B 373 -11.61 -9.48 -14.04
C ALA B 373 -10.44 -9.28 -14.96
N SER B 374 -10.53 -8.31 -15.85
CA SER B 374 -9.45 -8.08 -16.80
C SER B 374 -8.43 -7.11 -16.23
N GLY B 375 -8.81 -6.33 -15.20
CA GLY B 375 -7.85 -5.43 -14.62
C GLY B 375 -8.12 -4.02 -15.08
N TYR B 376 -9.22 -3.83 -15.80
CA TYR B 376 -9.53 -2.51 -16.31
C TYR B 376 -10.80 -2.00 -15.64
N GLU B 377 -11.37 -2.79 -14.78
CA GLU B 377 -12.59 -2.41 -14.10
C GLU B 377 -12.38 -1.11 -13.34
N THR B 378 -13.30 -0.18 -13.55
CA THR B 378 -13.34 1.08 -12.83
C THR B 378 -14.80 1.57 -12.80
N THR B 379 -14.98 2.78 -12.23
CA THR B 379 -16.24 3.49 -12.39
C THR B 379 -16.03 4.93 -12.88
N GLN B 380 -17.08 5.74 -12.81
CA GLN B 380 -17.00 7.12 -13.31
C GLN B 380 -16.00 7.97 -12.54
N ASP B 381 -15.87 7.70 -11.23
CA ASP B 381 -14.85 8.37 -10.46
C ASP B 381 -13.46 7.84 -10.74
N GLY B 382 -13.30 6.69 -11.42
CA GLY B 382 -12.03 6.08 -11.75
C GLY B 382 -11.52 5.10 -10.73
N PRO B 383 -10.40 4.44 -11.00
CA PRO B 383 -9.78 3.51 -10.08
C PRO B 383 -9.62 4.09 -8.68
N THR B 384 -9.71 3.32 -7.64
CA THR B 384 -9.45 3.72 -6.27
C THR B 384 -7.98 3.52 -5.92
N GLY B 385 -7.23 2.83 -6.77
CA GLY B 385 -5.82 2.58 -6.44
C GLY B 385 -5.02 2.49 -7.75
N SER B 386 -3.89 1.83 -7.69
CA SER B 386 -3.06 1.56 -8.83
C SER B 386 -3.75 0.54 -9.78
N LEU B 387 -3.44 0.61 -11.02
CA LEU B 387 -3.71 -0.36 -12.06
C LEU B 387 -2.59 -1.40 -11.95
N ASN B 388 -3.01 -2.65 -12.08
CA ASN B 388 -2.14 -3.82 -12.06
C ASN B 388 -2.61 -4.80 -13.17
N ILE B 389 -1.91 -5.92 -13.28
CA ILE B 389 -2.23 -7.02 -14.16
C ILE B 389 -3.12 -7.93 -13.33
N SER B 390 -4.33 -8.29 -13.65
CA SER B 390 -5.18 -9.10 -12.82
C SER B 390 -4.67 -10.53 -12.60
N VAL B 391 -5.11 -11.19 -11.52
CA VAL B 391 -4.69 -12.52 -11.24
C VAL B 391 -4.95 -13.48 -12.45
N GLY B 392 -6.13 -13.42 -13.01
CA GLY B 392 -6.63 -14.21 -14.11
C GLY B 392 -5.64 -14.05 -15.27
N ALA B 393 -5.29 -12.80 -15.55
CA ALA B 393 -4.32 -12.49 -16.58
C ALA B 393 -2.93 -13.02 -16.21
N LYS B 394 -2.52 -13.08 -14.94
CA LYS B 394 -1.19 -13.64 -14.68
C LYS B 394 -1.20 -15.17 -14.88
N ILE B 395 -2.30 -15.81 -14.45
CA ILE B 395 -2.49 -17.22 -14.70
C ILE B 395 -2.56 -17.52 -16.21
N LEU B 396 -3.29 -16.73 -17.00
CA LEU B 396 -3.37 -16.94 -18.45
C LEU B 396 -2.03 -16.70 -19.13
N TYR B 397 -1.19 -15.81 -18.59
CA TYR B 397 0.10 -15.58 -19.20
C TYR B 397 1.00 -16.85 -19.11
N GLU B 398 0.92 -17.58 -17.99
CA GLU B 398 1.70 -18.77 -17.78
C GLU B 398 1.23 -19.83 -18.80
N ALA B 399 -0.09 -20.06 -18.94
CA ALA B 399 -0.69 -20.91 -19.93
C ALA B 399 -0.30 -20.60 -21.40
N VAL B 400 -0.22 -19.34 -21.80
CA VAL B 400 0.20 -19.02 -23.15
C VAL B 400 1.71 -19.16 -23.28
N GLN B 401 2.50 -19.38 -22.21
CA GLN B 401 3.94 -19.56 -22.38
C GLN B 401 4.23 -21.04 -22.67
N GLY B 402 3.27 -21.94 -22.50
CA GLY B 402 3.54 -23.32 -22.83
C GLY B 402 4.55 -24.01 -21.92
N ASP B 403 5.48 -24.78 -22.44
CA ASP B 403 6.43 -25.45 -21.54
C ASP B 403 7.60 -24.52 -21.18
N LYS B 404 7.53 -23.26 -21.56
CA LYS B 404 8.47 -22.23 -21.13
C LYS B 404 8.09 -21.73 -19.74
N SER B 405 6.89 -22.01 -19.25
CA SER B 405 6.46 -21.61 -17.92
C SER B 405 6.88 -22.71 -16.95
N PRO B 406 7.43 -22.30 -15.82
CA PRO B 406 7.85 -23.20 -14.75
C PRO B 406 6.68 -23.82 -14.00
N ILE B 407 5.46 -23.37 -14.19
CA ILE B 407 4.28 -23.84 -13.51
C ILE B 407 3.60 -24.96 -14.27
N PRO B 408 3.62 -26.14 -13.68
CA PRO B 408 2.96 -27.31 -14.25
C PRO B 408 1.52 -27.00 -14.58
N GLN B 409 1.10 -27.24 -15.80
CA GLN B 409 -0.28 -27.02 -16.22
C GLN B 409 -1.08 -28.29 -15.94
N ALA B 410 -1.50 -28.48 -14.69
CA ALA B 410 -2.26 -29.63 -14.27
C ALA B 410 -3.52 -29.75 -15.11
N VAL B 411 -4.25 -28.68 -15.36
CA VAL B 411 -5.35 -28.75 -16.28
C VAL B 411 -4.94 -27.88 -17.49
N ASP B 412 -5.34 -28.35 -18.65
CA ASP B 412 -5.12 -27.56 -19.86
C ASP B 412 -6.25 -26.54 -19.90
N LEU B 413 -5.86 -25.28 -19.81
CA LEU B 413 -6.83 -24.21 -19.74
C LEU B 413 -7.45 -23.92 -21.13
N PHE B 414 -6.81 -24.38 -22.21
CA PHE B 414 -7.32 -24.32 -23.56
C PHE B 414 -8.18 -25.51 -23.92
N ALA B 415 -8.42 -26.44 -23.01
CA ALA B 415 -9.31 -27.58 -23.15
C ALA B 415 -9.20 -28.36 -24.45
N GLY B 416 -7.99 -28.74 -24.86
CA GLY B 416 -7.78 -29.49 -26.08
C GLY B 416 -7.69 -28.64 -27.34
N LYS B 417 -8.22 -27.41 -27.39
CA LYS B 417 -8.11 -26.61 -28.60
C LYS B 417 -6.76 -25.95 -28.70
N PRO B 418 -6.26 -25.84 -29.92
CA PRO B 418 -5.04 -25.10 -30.21
C PRO B 418 -5.26 -23.66 -29.71
N GLN B 419 -4.32 -23.06 -29.09
CA GLN B 419 -4.37 -21.70 -28.53
C GLN B 419 -4.95 -20.70 -29.50
N GLN B 420 -4.40 -20.72 -30.73
CA GLN B 420 -4.80 -19.73 -31.73
C GLN B 420 -6.29 -19.76 -32.03
N GLU B 421 -6.90 -20.95 -31.90
CA GLU B 421 -8.32 -20.97 -32.11
C GLU B 421 -9.04 -20.23 -31.01
N VAL B 422 -8.60 -20.35 -29.78
CA VAL B 422 -9.22 -19.62 -28.67
C VAL B 422 -8.91 -18.10 -28.76
N VAL B 423 -7.74 -17.75 -29.19
CA VAL B 423 -7.36 -16.36 -29.33
C VAL B 423 -8.21 -15.69 -30.41
N LEU B 424 -8.45 -16.37 -31.53
CA LEU B 424 -9.22 -15.85 -32.65
C LEU B 424 -10.68 -15.81 -32.26
N ALA B 425 -11.11 -16.80 -31.47
CA ALA B 425 -12.55 -16.66 -31.10
C ALA B 425 -12.79 -15.42 -30.25
N ALA B 426 -11.91 -15.12 -29.29
CA ALA B 426 -12.00 -13.99 -28.37
C ALA B 426 -11.92 -12.68 -29.17
N LEU B 427 -11.08 -12.70 -30.20
CA LEU B 427 -10.90 -11.54 -31.04
C LEU B 427 -12.15 -11.26 -31.86
N GLU B 428 -12.96 -12.25 -32.15
CA GLU B 428 -14.21 -12.11 -32.88
C GLU B 428 -15.23 -11.56 -31.91
N ASP B 429 -15.16 -11.99 -30.66
CA ASP B 429 -16.06 -11.42 -29.66
C ASP B 429 -15.76 -9.92 -29.53
N THR B 430 -14.50 -9.55 -29.50
CA THR B 430 -14.06 -8.19 -29.31
C THR B 430 -14.57 -7.31 -30.45
N TRP B 431 -14.33 -7.80 -31.66
CA TRP B 431 -14.82 -7.03 -32.83
C TRP B 431 -16.33 -6.85 -32.81
N GLU B 432 -17.09 -7.86 -32.44
CA GLU B 432 -18.54 -7.78 -32.36
C GLU B 432 -19.01 -6.73 -31.35
N THR B 433 -18.52 -6.82 -30.09
CA THR B 433 -18.84 -5.80 -29.10
C THR B 433 -18.45 -4.39 -29.47
N LEU B 434 -17.20 -4.15 -29.85
CA LEU B 434 -16.78 -2.79 -30.13
C LEU B 434 -17.36 -2.15 -31.37
N SER B 435 -17.44 -2.84 -32.50
CA SER B 435 -17.96 -2.33 -33.76
C SER B 435 -19.44 -2.01 -33.60
N LYS B 436 -20.13 -2.76 -32.76
CA LYS B 436 -21.54 -2.48 -32.54
C LYS B 436 -21.68 -1.11 -31.87
N ARG B 437 -20.78 -0.72 -30.96
CA ARG B 437 -20.96 0.55 -30.25
C ARG B 437 -20.37 1.72 -31.01
N TYR B 438 -19.22 1.54 -31.62
CA TYR B 438 -18.49 2.56 -32.31
C TYR B 438 -18.58 2.55 -33.82
N GLY B 439 -19.02 1.45 -34.42
CA GLY B 439 -19.03 1.42 -35.89
C GLY B 439 -17.80 0.66 -36.39
N ASN B 440 -17.67 0.58 -37.72
CA ASN B 440 -16.64 -0.20 -38.35
C ASN B 440 -15.35 0.52 -38.65
N ASN B 441 -15.35 1.83 -38.59
CA ASN B 441 -14.12 2.58 -38.87
C ASN B 441 -13.29 2.79 -37.63
N VAL B 442 -12.28 1.94 -37.45
CA VAL B 442 -11.47 1.88 -36.27
C VAL B 442 -10.71 3.16 -35.94
N SER B 443 -10.40 3.92 -36.99
CA SER B 443 -9.69 5.18 -36.86
C SER B 443 -10.53 6.27 -36.21
N ASN B 444 -11.85 6.16 -36.12
CA ASN B 444 -12.54 7.28 -35.49
C ASN B 444 -13.10 6.82 -34.17
N TRP B 445 -12.64 5.70 -33.63
CA TRP B 445 -13.12 5.21 -32.34
C TRP B 445 -12.60 6.15 -31.25
N LYS B 446 -13.48 6.78 -30.50
CA LYS B 446 -13.08 7.64 -29.38
C LYS B 446 -13.54 6.92 -28.11
N THR B 447 -12.67 6.18 -27.47
CA THR B 447 -12.99 5.38 -26.30
C THR B 447 -12.70 6.13 -25.01
N PRO B 448 -13.46 5.85 -23.99
CA PRO B 448 -13.46 6.60 -22.75
C PRO B 448 -12.20 6.43 -21.93
N ALA B 449 -11.62 7.55 -21.52
CA ALA B 449 -10.45 7.57 -20.65
C ALA B 449 -10.89 7.37 -19.22
N MET B 450 -10.03 6.91 -18.35
CA MET B 450 -10.21 6.80 -16.93
C MET B 450 -9.90 8.18 -16.34
N ALA B 451 -10.64 8.65 -15.38
CA ALA B 451 -10.39 9.90 -14.66
C ALA B 451 -9.86 9.61 -13.24
N LEU B 452 -9.57 10.64 -12.48
CA LEU B 452 -9.02 10.56 -11.12
C LEU B 452 -9.74 11.42 -10.10
N THR B 453 -10.20 10.86 -8.99
CA THR B 453 -10.96 11.50 -7.95
C THR B 453 -10.23 11.60 -6.62
N PHE B 454 -10.06 12.78 -6.03
CA PHE B 454 -9.52 12.95 -4.69
C PHE B 454 -10.77 12.87 -3.81
N ARG B 455 -10.96 11.73 -3.15
CA ARG B 455 -12.14 11.51 -2.35
C ARG B 455 -12.20 12.21 -0.99
N ALA B 456 -13.39 12.56 -0.56
CA ALA B 456 -13.67 13.17 0.73
C ALA B 456 -13.76 12.12 1.83
N ASN B 457 -13.96 10.86 1.46
CA ASN B 457 -13.89 9.71 2.32
C ASN B 457 -12.52 9.12 2.33
N ASN B 458 -12.03 8.85 3.54
CA ASN B 458 -10.81 8.10 3.63
C ASN B 458 -11.05 6.65 3.30
N PHE B 459 -9.93 5.94 3.36
CA PHE B 459 -9.80 4.62 2.77
C PHE B 459 -10.68 3.61 3.46
N PHE B 460 -11.10 3.87 4.70
CA PHE B 460 -12.10 3.02 5.31
C PHE B 460 -13.49 3.32 4.78
N GLY B 461 -13.80 4.40 4.10
CA GLY B 461 -15.23 4.59 3.76
C GLY B 461 -15.85 5.59 4.75
N VAL B 462 -15.03 6.21 5.58
CA VAL B 462 -15.50 7.24 6.51
C VAL B 462 -15.16 8.65 6.03
N PRO B 463 -16.09 9.56 6.15
CA PRO B 463 -15.91 10.95 5.80
C PRO B 463 -14.78 11.60 6.60
N GLN B 464 -13.88 12.27 5.87
CA GLN B 464 -12.86 13.06 6.54
C GLN B 464 -12.95 14.47 5.97
N ALA B 465 -14.00 14.82 5.26
CA ALA B 465 -14.14 16.11 4.59
C ALA B 465 -15.61 16.18 4.14
N ALA B 466 -16.15 17.32 3.75
CA ALA B 466 -17.57 17.32 3.33
C ALA B 466 -17.59 16.77 1.91
N ALA B 467 -18.71 16.27 1.42
CA ALA B 467 -18.79 15.75 0.05
C ALA B 467 -18.41 16.73 -1.02
N GLU B 468 -18.72 18.02 -0.90
CA GLU B 468 -18.28 19.01 -1.84
C GLU B 468 -16.77 19.20 -1.88
N GLU B 469 -16.01 18.64 -0.93
CA GLU B 469 -14.56 18.84 -0.93
C GLU B 469 -13.86 17.88 -1.88
N THR B 470 -14.61 16.98 -2.50
CA THR B 470 -14.06 16.05 -3.47
C THR B 470 -13.45 16.76 -4.66
N ARG B 471 -12.29 16.42 -5.15
CA ARG B 471 -11.68 17.07 -6.30
C ARG B 471 -11.52 16.03 -7.42
N HIS B 472 -11.71 16.46 -8.66
CA HIS B 472 -11.72 15.74 -9.94
C HIS B 472 -10.56 16.13 -10.81
N GLN B 473 -9.88 15.12 -11.33
CA GLN B 473 -8.77 15.35 -12.30
C GLN B 473 -9.12 14.52 -13.53
N ALA B 474 -9.05 15.11 -14.70
CA ALA B 474 -9.47 14.55 -15.96
C ALA B 474 -8.60 13.35 -16.33
N GLU B 475 -7.29 13.41 -16.17
CA GLU B 475 -6.45 12.26 -16.45
C GLU B 475 -6.08 11.34 -15.30
N TYR B 476 -6.56 10.07 -15.32
CA TYR B 476 -6.10 9.04 -14.40
C TYR B 476 -4.59 8.82 -14.66
N GLN B 477 -3.80 8.78 -13.60
CA GLN B 477 -2.36 8.55 -13.70
C GLN B 477 -2.00 7.42 -12.73
N ASN B 478 -1.33 6.37 -13.20
CA ASN B 478 -1.00 5.20 -12.37
C ASN B 478 0.29 5.51 -11.61
N ARG B 479 0.19 6.30 -10.54
CA ARG B 479 1.36 6.91 -9.90
C ARG B 479 1.13 7.12 -8.42
N GLY B 480 2.21 7.49 -7.69
CA GLY B 480 1.96 7.57 -6.25
C GLY B 480 1.02 8.71 -5.90
N THR B 481 0.33 8.54 -4.77
CA THR B 481 -0.53 9.42 -4.08
C THR B 481 0.28 10.73 -3.87
N GLU B 482 1.56 10.63 -3.54
CA GLU B 482 2.49 11.74 -3.58
C GLU B 482 3.75 11.20 -4.29
N ASN B 483 4.58 11.99 -4.90
CA ASN B 483 5.88 11.65 -5.43
C ASN B 483 6.96 12.47 -4.79
N ASP B 484 8.12 11.88 -4.50
CA ASP B 484 9.13 12.73 -3.85
C ASP B 484 10.45 12.26 -4.49
N MET B 485 11.36 13.19 -4.73
CA MET B 485 12.63 12.88 -5.31
C MET B 485 13.77 13.49 -4.45
N ILE B 486 14.81 12.70 -4.21
CA ILE B 486 15.99 13.17 -3.46
C ILE B 486 17.22 13.00 -4.33
N VAL B 487 17.98 14.05 -4.56
CA VAL B 487 19.20 13.98 -5.38
C VAL B 487 20.44 14.31 -4.54
N PHE B 488 21.36 13.38 -4.39
CA PHE B 488 22.53 13.52 -3.55
C PHE B 488 23.76 13.86 -4.37
N SER B 489 24.57 14.78 -3.85
CA SER B 489 25.71 15.38 -4.48
C SER B 489 25.54 15.81 -5.94
N PRO B 490 24.62 16.73 -6.17
CA PRO B 490 24.36 17.26 -7.50
C PRO B 490 25.61 17.96 -8.00
N THR B 491 26.13 17.69 -9.18
CA THR B 491 27.20 18.52 -9.74
C THR B 491 26.66 19.92 -10.07
N THR B 492 25.38 20.17 -10.17
CA THR B 492 24.80 21.42 -10.58
C THR B 492 24.39 22.40 -9.47
N SER B 493 24.82 22.17 -8.25
CA SER B 493 24.51 23.05 -7.13
C SER B 493 25.66 22.91 -6.16
N ASP B 494 25.72 23.77 -5.16
CA ASP B 494 26.74 23.73 -4.13
C ASP B 494 26.19 22.95 -2.93
N ARG B 495 24.87 22.78 -2.94
CA ARG B 495 24.19 22.00 -1.93
C ARG B 495 24.50 20.52 -2.11
N PRO B 496 24.79 19.83 -1.03
CA PRO B 496 25.03 18.40 -0.97
C PRO B 496 23.83 17.50 -1.27
N VAL B 497 22.60 17.98 -1.11
CA VAL B 497 21.35 17.33 -1.33
C VAL B 497 20.38 18.30 -2.01
N LEU B 498 19.41 17.81 -2.75
CA LEU B 498 18.31 18.59 -3.31
C LEU B 498 17.09 17.67 -3.22
N ALA B 499 15.91 18.08 -2.81
CA ALA B 499 14.79 17.18 -2.68
C ALA B 499 13.55 17.91 -3.13
N TRP B 500 12.56 17.23 -3.68
CA TRP B 500 11.31 17.86 -4.05
C TRP B 500 10.16 16.92 -3.66
N ASP B 501 8.94 17.40 -3.63
CA ASP B 501 7.79 16.54 -3.41
C ASP B 501 6.57 17.28 -3.93
N VAL B 502 5.38 16.73 -3.71
CA VAL B 502 4.14 17.35 -4.16
C VAL B 502 3.11 16.64 -3.31
N VAL B 503 2.38 17.40 -2.52
CA VAL B 503 1.38 16.87 -1.61
C VAL B 503 0.08 17.58 -1.91
N ALA B 504 -0.76 17.01 -2.75
CA ALA B 504 -2.00 17.58 -3.24
C ALA B 504 -3.18 16.99 -2.53
N PRO B 505 -4.25 17.76 -2.33
CA PRO B 505 -4.42 19.11 -2.78
C PRO B 505 -3.55 20.20 -2.20
N GLY B 506 -3.21 20.13 -0.91
CA GLY B 506 -2.27 21.05 -0.31
C GLY B 506 -1.81 20.66 1.09
N GLN B 507 -0.97 21.48 1.74
CA GLN B 507 -0.60 21.20 3.11
C GLN B 507 -1.74 21.25 4.11
N SER B 508 -2.62 22.23 3.94
CA SER B 508 -3.71 22.40 4.88
C SER B 508 -5.07 21.89 4.44
N GLY B 509 -5.86 21.46 5.42
CA GLY B 509 -7.22 21.07 5.16
C GLY B 509 -8.14 22.03 5.88
N PHE B 510 -7.59 23.16 6.37
CA PHE B 510 -8.46 24.02 7.20
C PHE B 510 -9.43 24.91 6.43
N ILE B 511 -10.66 24.90 6.89
CA ILE B 511 -11.77 25.73 6.47
C ILE B 511 -12.35 26.41 7.75
N ALA B 512 -12.34 27.75 7.76
CA ALA B 512 -12.85 28.48 8.94
C ALA B 512 -14.34 28.26 9.01
N PRO B 513 -14.92 28.60 10.14
CA PRO B 513 -16.35 28.47 10.37
C PRO B 513 -17.15 29.30 9.38
N ASP B 514 -16.68 30.46 8.90
CA ASP B 514 -17.39 31.25 7.90
C ASP B 514 -17.22 30.69 6.50
N GLY B 515 -16.47 29.60 6.28
CA GLY B 515 -16.35 29.04 4.95
C GLY B 515 -15.13 29.54 4.19
N THR B 516 -14.27 30.26 4.88
CA THR B 516 -13.04 30.79 4.28
C THR B 516 -12.02 29.67 4.31
N VAL B 517 -11.51 29.35 3.15
CA VAL B 517 -10.56 28.24 3.01
C VAL B 517 -9.14 28.72 3.25
N ASP B 518 -8.32 27.93 3.95
CA ASP B 518 -6.94 28.28 4.13
C ASP B 518 -6.25 28.60 2.81
N LYS B 519 -5.21 29.43 2.88
CA LYS B 519 -4.40 29.75 1.72
C LYS B 519 -3.68 28.52 1.18
N HIS B 520 -3.38 27.50 1.96
CA HIS B 520 -2.65 26.37 1.43
C HIS B 520 -3.52 25.13 1.28
N TYR B 521 -4.80 25.34 1.03
CA TYR B 521 -5.79 24.31 0.90
C TYR B 521 -5.73 23.64 -0.46
N GLU B 522 -5.25 24.28 -1.53
CA GLU B 522 -5.34 23.62 -2.81
C GLU B 522 -4.29 24.13 -3.75
N ASP B 523 -3.24 24.67 -3.21
CA ASP B 523 -2.21 25.30 -4.04
C ASP B 523 -1.30 24.23 -4.58
N GLN B 524 -1.49 22.95 -4.43
CA GLN B 524 -0.59 21.95 -5.00
C GLN B 524 -1.34 21.09 -6.03
N LEU B 525 -2.63 21.30 -6.18
CA LEU B 525 -3.50 20.51 -7.03
C LEU B 525 -3.21 20.55 -8.52
N LYS B 526 -2.89 21.69 -9.11
CA LYS B 526 -2.57 21.78 -10.52
C LYS B 526 -1.17 21.26 -10.74
N MET B 527 -0.28 21.48 -9.80
CA MET B 527 1.09 20.99 -9.87
C MET B 527 1.11 19.47 -10.03
N TYR B 528 0.26 18.79 -9.28
CA TYR B 528 0.10 17.36 -9.29
C TYR B 528 -0.28 16.88 -10.69
N GLU B 529 -1.34 17.47 -11.22
CA GLU B 529 -1.81 17.11 -12.54
C GLU B 529 -0.75 17.31 -13.62
N ASN B 530 0.06 18.37 -13.63
CA ASN B 530 1.03 18.49 -14.69
C ASN B 530 2.37 17.85 -14.36
N PHE B 531 2.53 16.96 -13.36
CA PHE B 531 3.85 16.37 -13.12
C PHE B 531 4.85 17.40 -12.59
N GLY B 532 4.36 18.46 -11.92
CA GLY B 532 5.27 19.46 -11.37
C GLY B 532 5.70 18.98 -9.97
N ARG B 533 6.50 19.76 -9.28
CA ARG B 533 6.96 19.49 -7.92
C ARG B 533 7.52 20.75 -7.27
N LYS B 534 7.55 20.82 -5.97
CA LYS B 534 8.01 21.94 -5.16
C LYS B 534 9.28 21.51 -4.43
N SER B 535 10.21 22.40 -4.08
CA SER B 535 11.39 22.11 -3.31
C SER B 535 11.13 21.79 -1.84
N LEU B 536 11.90 20.84 -1.31
CA LEU B 536 11.81 20.53 0.12
C LEU B 536 12.98 21.24 0.79
N TRP B 537 12.81 22.00 1.86
CA TRP B 537 14.04 22.62 2.42
C TRP B 537 14.50 21.86 3.64
N LEU B 538 15.78 21.89 3.93
CA LEU B 538 16.34 21.24 5.13
C LEU B 538 17.19 22.22 5.95
N THR B 539 18.18 22.89 5.39
CA THR B 539 18.99 23.82 6.17
C THR B 539 18.26 25.08 6.63
N LYS B 540 18.79 25.65 7.73
CA LYS B 540 18.24 26.81 8.40
C LYS B 540 18.17 27.99 7.45
N GLN B 541 19.24 28.24 6.72
CA GLN B 541 19.31 29.31 5.74
C GLN B 541 18.20 29.15 4.70
N ASP B 542 18.02 27.93 4.14
CA ASP B 542 16.96 27.74 3.16
C ASP B 542 15.59 27.95 3.76
N VAL B 543 15.37 27.47 4.97
CA VAL B 543 14.08 27.65 5.62
C VAL B 543 13.85 29.16 5.81
N GLU B 544 14.84 29.87 6.34
CA GLU B 544 14.68 31.32 6.59
C GLU B 544 14.43 32.05 5.29
N ALA B 545 15.21 31.70 4.26
CA ALA B 545 15.02 32.35 2.97
C ALA B 545 13.62 32.16 2.41
N HIS B 546 12.93 31.06 2.70
CA HIS B 546 11.62 30.86 2.11
C HIS B 546 10.50 30.97 3.11
N LYS B 547 10.71 31.65 4.22
CA LYS B 547 9.74 31.68 5.28
C LYS B 547 8.52 32.51 4.91
N GLU B 548 7.31 32.09 5.26
CA GLU B 548 6.19 32.96 4.99
C GLU B 548 5.65 33.45 6.36
N SER B 549 5.94 32.70 7.43
CA SER B 549 5.49 33.09 8.75
C SER B 549 6.26 32.32 9.80
N GLN B 550 6.10 32.81 11.02
CA GLN B 550 6.80 32.34 12.21
C GLN B 550 5.95 32.40 13.46
N GLU B 551 6.01 31.43 14.33
CA GLU B 551 5.22 31.41 15.56
C GLU B 551 6.15 30.90 16.64
N VAL B 552 6.23 31.55 17.80
CA VAL B 552 7.16 31.02 18.82
C VAL B 552 6.35 30.64 20.05
N LEU B 553 6.59 29.51 20.66
CA LEU B 553 5.84 29.07 21.84
C LEU B 553 6.81 28.93 23.01
N HIS B 554 6.31 29.17 24.21
CA HIS B 554 7.21 29.00 25.38
C HIS B 554 6.45 28.05 26.30
N VAL B 555 6.93 26.82 26.47
CA VAL B 555 6.22 25.83 27.25
C VAL B 555 7.14 25.01 28.10
N GLN B 556 6.67 24.65 29.28
CA GLN B 556 7.42 23.71 30.07
C GLN B 556 6.58 22.57 30.53
N ARG B 557 7.20 21.38 30.48
CA ARG B 557 6.47 20.16 30.79
C ARG B 557 6.05 20.06 32.22
#